data_9V4P
#
_entry.id   9V4P
#
_cell.length_a   1.00
_cell.length_b   1.00
_cell.length_c   1.00
_cell.angle_alpha   90.00
_cell.angle_beta   90.00
_cell.angle_gamma   90.00
#
_symmetry.space_group_name_H-M   'P 1'
#
loop_
_entity.id
_entity.type
_entity.pdbx_description
1 polymer "DNA (5'-D(*TP*AP*A*TP*GP*AP*CP*AP*TP*AP*(5CM)P*GP*AP*TP*CP*CP*AP*AP*TP*C)-3')"
2 polymer "DNA (5'-D(*GP*AP*TP*TP*GP*GP*AP*TP*(C49)P*GP*TP*AP*TP*GP*TP*CP*AP*TP*TP*A)-3')"
3 polymer 'DNA (cytosine-5)-methyltransferase 1'
4 non-polymer S-ADENOSYL-L-HOMOCYSTEINE
5 non-polymer 'ZINC ION'
6 water water
#
loop_
_entity_poly.entity_id
_entity_poly.type
_entity_poly.pdbx_seq_one_letter_code
_entity_poly.pdbx_strand_id
1 'polydeoxyribonucleotide'
;(DT)(DA)(DA)(DT)(DG)(DA)(DC)(DA)(DT)(DA)(5CM)(DG)(DA)(DT)(DC)(DC)(DA)(DA)(DT)
(DC)
;
B
2 'polydeoxyribonucleotide'
;(DG)(DA)(DT)(DT)(DG)(DG)(DA)(DT)(C49)(DG)(DT)(DA)(DT)(DG)(DT)(DC)(DA)(DT)(DT)
(DA)
;
C
3 'polypeptide(L)'
;SNPRAGMAPVASKRKAMQATTTRLVNRIWGEFYSNYSPEDPLQATAAENGEDEVEEEGGNGEEEVEEEGENGLTEDTVPE
PVEVQKPHTPKKIRGSSGKREIKWDGESLGKTSAGEPLYQQALVGGEMVAVGGAVTLEVDDPDEMPAIYFVEYMFESTDH
CKMLHGRFLQRGSMTVLGNAANERELFLTNECMTTQLKDIKGVASFEIRSRPWGHQYRKKNITADKLDWARALERKVKDL
PTEYYCKSLYSPERGGFFSLPLSDIGRSSGFCTSCKIREDEEKRSTIKLNVSKTGFFINGIEYSVEDFVYVNPDSIGGLK
EGSKTSFKSGRNIGLRAYVVCQLLEIVPKESRKADLGSFDVKVRRFYRPEDVSAEKAYASDIQELYFSQDTVVLPPGALE
GKCEVRKKSDMPLSREYPISDHIFFCDLFFDTSKGSLKQLPANMKPKFSTIKDDTLLRKKKGKGVESEIESEIVKPVEPP
KEIRLATLDIFAGCGGLSHGLKKAGVSDAKWAIEYEEPAGQAFKQNHPESTVFVDNCNVILRAIMEKGGDQDDCVSTTEA
NELAAKLTEEQKSTLPLPGQVDFINGGPPCQGFSGMNRFNQSSWSKVQCEMILAFLSFADYFRPRYFLLENVRTFVSFNK
GQTFQLTLASLLEMGYQVRFGILEAGAYGVSQSRKRAFIWAAAPEEVLPEWPEPMHVFGVPKLKISLSQGLHYAAVRSTA
LGAPFRPITVRDTIGDLPSVENGDSRTNKEYKEVAVSWFQKEIRGNTIALTDHICKAMNELNLIRCKLIPTRPGADWHDL
PKRKVTLSDGRVEEMIPFCLPNTAERHNGWKGLYGRLDWQGNFPTSVTDPQPMGKVGMCFHPEQHRILTVRECARSQGFP
DSYEFAGNINHKHRQIGNAVPPPLAFALGRKLKEALHLKKSPQHQP
;
A
#
# COMPACT_ATOMS: atom_id res chain seq x y z
N ALA C 16 27.95 -3.73 5.73
CA ALA C 16 27.65 -2.60 6.60
C ALA C 16 28.27 -1.32 6.07
N MET C 17 27.85 -0.90 4.88
CA MET C 17 28.38 0.28 4.23
C MET C 17 27.37 1.42 4.28
N GLN C 18 27.86 2.62 4.58
CA GLN C 18 27.02 3.81 4.58
C GLN C 18 26.57 4.16 3.16
N ALA C 19 25.43 4.83 3.08
CA ALA C 19 24.76 4.99 1.80
C ALA C 19 25.46 6.00 0.90
N THR C 20 25.33 5.79 -0.41
CA THR C 20 25.78 6.75 -1.41
C THR C 20 24.58 7.55 -1.89
N THR C 21 24.62 8.86 -1.67
CA THR C 21 23.49 9.72 -1.96
C THR C 21 23.88 10.75 -3.01
N THR C 22 22.86 11.40 -3.56
CA THR C 22 23.07 12.61 -4.34
C THR C 22 23.04 13.82 -3.41
N ARG C 23 23.47 14.97 -3.94
CA ARG C 23 23.48 16.19 -3.14
C ARG C 23 22.09 16.59 -2.67
N LEU C 24 21.05 16.34 -3.47
CA LEU C 24 19.70 16.72 -3.10
C LEU C 24 19.24 15.96 -1.86
N VAL C 25 19.39 14.64 -1.86
CA VAL C 25 18.98 13.82 -0.74
C VAL C 25 19.82 14.14 0.50
N ASN C 26 21.11 14.38 0.30
CA ASN C 26 22.00 14.78 1.40
C ASN C 26 21.54 16.08 2.04
N ARG C 27 21.14 17.06 1.22
CA ARG C 27 20.69 18.34 1.76
C ARG C 27 19.34 18.21 2.46
N ILE C 28 18.44 17.37 1.94
CA ILE C 28 17.14 17.21 2.56
C ILE C 28 17.22 16.45 3.89
N TRP C 29 18.06 15.43 4.00
CA TRP C 29 18.13 14.67 5.24
C TRP C 29 19.16 15.21 6.23
N GLY C 30 20.42 15.31 5.84
CA GLY C 30 21.41 15.99 6.64
C GLY C 30 21.76 15.35 7.97
N GLU C 31 21.33 14.10 8.22
CA GLU C 31 21.63 13.44 9.49
C GLU C 31 22.00 11.97 9.25
N PHE C 32 22.73 11.67 8.18
CA PHE C 32 23.20 10.30 8.01
C PHE C 32 24.73 10.19 7.92
N TYR C 33 25.34 10.87 6.97
CA TYR C 33 26.78 10.80 6.74
C TYR C 33 27.39 12.19 6.84
N SER C 34 26.83 13.13 6.09
CA SER C 34 27.22 14.53 6.15
C SER C 34 25.99 15.36 6.47
N ASN C 35 26.20 16.45 7.21
CA ASN C 35 25.10 17.34 7.58
C ASN C 35 24.79 18.33 6.46
N LYS C 99 -9.20 54.57 5.64
CA LYS C 99 -10.04 54.19 4.51
C LYS C 99 -9.19 53.66 3.36
N ARG C 100 -9.67 52.61 2.71
CA ARG C 100 -9.02 52.05 1.53
C ARG C 100 -9.89 52.26 0.31
N GLU C 101 -9.25 52.52 -0.83
CA GLU C 101 -9.96 52.70 -2.08
C GLU C 101 -9.89 51.40 -2.87
N ILE C 102 -11.04 50.88 -3.25
CA ILE C 102 -11.16 49.63 -3.99
C ILE C 102 -11.76 49.96 -5.34
N LYS C 103 -10.98 49.75 -6.41
CA LYS C 103 -11.41 50.13 -7.74
C LYS C 103 -11.30 48.93 -8.69
N TRP C 104 -12.29 48.79 -9.56
CA TRP C 104 -12.23 47.77 -10.61
C TRP C 104 -11.32 48.27 -11.72
N ASP C 105 -10.29 47.52 -12.05
CA ASP C 105 -9.42 47.88 -13.16
C ASP C 105 -9.93 47.25 -14.44
N GLY C 106 -9.88 48.02 -15.52
CA GLY C 106 -10.38 47.50 -16.77
C GLY C 106 -11.90 47.46 -16.76
N GLU C 107 -12.45 46.66 -17.68
CA GLU C 107 -13.88 46.53 -17.83
C GLU C 107 -14.24 45.06 -17.89
N SER C 108 -15.47 44.75 -17.49
CA SER C 108 -15.95 43.37 -17.40
C SER C 108 -15.83 42.63 -18.73
N LEU C 109 -15.77 41.30 -18.66
CA LEU C 109 -15.64 40.46 -19.84
C LEU C 109 -16.62 39.30 -19.76
N GLY C 110 -17.87 39.60 -19.44
CA GLY C 110 -18.88 38.57 -19.33
C GLY C 110 -19.79 38.78 -18.14
N LYS C 111 -20.72 37.85 -17.92
CA LYS C 111 -21.69 37.98 -16.85
C LYS C 111 -21.99 36.61 -16.25
N THR C 112 -22.24 36.59 -14.94
CA THR C 112 -22.67 35.41 -14.24
C THR C 112 -24.13 35.13 -14.57
N SER C 113 -24.52 33.85 -14.43
CA SER C 113 -25.89 33.45 -14.74
C SER C 113 -26.91 34.26 -13.95
N ALA C 114 -26.58 34.65 -12.71
CA ALA C 114 -27.45 35.52 -11.95
C ALA C 114 -27.45 36.95 -12.47
N GLY C 115 -26.56 37.28 -13.40
CA GLY C 115 -26.52 38.62 -13.97
C GLY C 115 -25.59 39.55 -13.23
N GLU C 116 -24.35 39.12 -13.01
CA GLU C 116 -23.39 39.88 -12.22
C GLU C 116 -22.11 40.05 -13.02
N PRO C 117 -21.61 41.27 -13.19
CA PRO C 117 -20.40 41.47 -13.99
C PRO C 117 -19.17 40.85 -13.34
N LEU C 118 -18.31 40.30 -14.19
CA LEU C 118 -17.08 39.64 -13.78
C LEU C 118 -15.87 40.48 -14.20
N TYR C 119 -14.93 40.63 -13.28
CA TYR C 119 -13.75 41.46 -13.52
C TYR C 119 -12.48 40.64 -13.38
N GLN C 120 -11.38 41.20 -13.90
CA GLN C 120 -10.10 40.51 -13.96
C GLN C 120 -9.06 41.10 -13.03
N GLN C 121 -9.17 42.38 -12.67
CA GLN C 121 -8.17 43.05 -11.84
C GLN C 121 -8.84 44.09 -10.98
N ALA C 122 -8.28 44.30 -9.79
CA ALA C 122 -8.77 45.33 -8.88
C ALA C 122 -7.61 45.96 -8.13
N LEU C 123 -7.72 47.27 -7.89
CA LEU C 123 -6.76 47.97 -7.06
C LEU C 123 -7.31 48.10 -5.66
N VAL C 124 -6.56 47.57 -4.70
CA VAL C 124 -6.90 47.64 -3.28
C VAL C 124 -5.69 48.24 -2.59
N GLY C 125 -5.87 49.39 -1.95
CA GLY C 125 -4.79 50.00 -1.18
C GLY C 125 -3.55 50.29 -1.99
N GLY C 126 -3.69 50.44 -3.30
CA GLY C 126 -2.58 50.73 -4.16
C GLY C 126 -1.96 49.53 -4.85
N GLU C 127 -2.29 48.31 -4.45
CA GLU C 127 -1.72 47.12 -5.07
C GLU C 127 -2.77 46.30 -5.82
N MET C 128 -2.30 45.49 -6.75
CA MET C 128 -3.12 44.83 -7.76
C MET C 128 -3.53 43.43 -7.32
N VAL C 129 -4.82 43.15 -7.40
CA VAL C 129 -5.37 41.85 -7.09
C VAL C 129 -5.92 41.28 -8.40
N ALA C 130 -5.37 40.16 -8.84
CA ALA C 130 -5.68 39.58 -10.13
C ALA C 130 -6.00 38.11 -9.98
N VAL C 131 -6.64 37.56 -11.00
CA VAL C 131 -7.05 36.17 -11.02
C VAL C 131 -5.82 35.31 -11.29
N GLY C 132 -5.41 34.54 -10.30
CA GLY C 132 -4.17 33.78 -10.38
C GLY C 132 -3.20 34.17 -9.30
N GLY C 133 -3.55 35.21 -8.53
CA GLY C 133 -2.75 35.66 -7.41
C GLY C 133 -3.26 35.12 -6.09
N ALA C 134 -2.74 35.71 -5.01
CA ALA C 134 -3.09 35.25 -3.68
C ALA C 134 -3.34 36.43 -2.76
N VAL C 135 -4.37 36.30 -1.93
CA VAL C 135 -4.70 37.31 -0.93
C VAL C 135 -4.67 36.68 0.45
N THR C 136 -4.36 37.49 1.44
CA THR C 136 -4.31 37.04 2.83
C THR C 136 -5.52 37.58 3.59
N LEU C 137 -6.15 36.70 4.35
CA LEU C 137 -7.27 37.03 5.21
C LEU C 137 -6.85 36.86 6.67
N GLU C 138 -7.37 37.76 7.51
CA GLU C 138 -6.90 37.91 8.88
C GLU C 138 -7.61 36.92 9.81
N VAL C 139 -6.88 36.48 10.84
CA VAL C 139 -7.32 35.40 11.71
C VAL C 139 -7.45 35.93 13.13
N ASP C 140 -8.27 35.22 13.93
CA ASP C 140 -8.60 35.69 15.27
C ASP C 140 -7.37 35.79 16.16
N ASP C 141 -6.72 34.66 16.45
CA ASP C 141 -5.58 34.69 17.33
C ASP C 141 -4.40 35.40 16.65
N PRO C 142 -3.66 36.22 17.38
CA PRO C 142 -2.66 37.08 16.74
C PRO C 142 -1.38 36.35 16.38
N ASP C 143 -1.01 35.34 17.17
CA ASP C 143 0.24 34.65 16.94
C ASP C 143 0.19 33.68 15.76
N GLU C 144 -1.00 33.40 15.24
CA GLU C 144 -1.14 32.49 14.11
C GLU C 144 -1.03 33.26 12.80
N MET C 145 -0.46 32.61 11.81
CA MET C 145 -0.24 33.26 10.52
C MET C 145 -1.56 33.36 9.73
N PRO C 146 -1.74 34.41 8.93
CA PRO C 146 -3.01 34.59 8.22
C PRO C 146 -3.22 33.52 7.16
N ALA C 147 -4.45 33.48 6.65
CA ALA C 147 -4.82 32.47 5.66
C ALA C 147 -4.61 33.01 4.26
N ILE C 148 -4.12 32.16 3.35
CA ILE C 148 -3.84 32.55 1.98
C ILE C 148 -4.85 31.88 1.06
N TYR C 149 -5.38 32.66 0.12
CA TYR C 149 -6.39 32.21 -0.81
C TYR C 149 -5.98 32.57 -2.24
N PHE C 150 -6.22 31.61 -3.14
CA PHE C 150 -6.01 31.76 -4.56
C PHE C 150 -7.28 32.31 -5.20
N VAL C 151 -7.15 33.36 -6.00
CA VAL C 151 -8.31 34.06 -6.54
C VAL C 151 -8.81 33.33 -7.78
N GLU C 152 -10.10 33.00 -7.79
CA GLU C 152 -10.72 32.29 -8.90
C GLU C 152 -11.56 33.20 -9.78
N TYR C 153 -12.40 34.06 -9.21
CA TYR C 153 -13.14 35.04 -9.98
C TYR C 153 -13.61 36.16 -9.08
N MET C 154 -13.87 37.31 -9.69
CA MET C 154 -14.38 38.50 -9.02
C MET C 154 -15.63 38.98 -9.72
N PHE C 155 -16.67 39.30 -8.95
CA PHE C 155 -17.93 39.72 -9.52
C PHE C 155 -18.55 40.81 -8.67
N GLU C 156 -19.47 41.55 -9.27
CA GLU C 156 -20.21 42.61 -8.59
C GLU C 156 -21.66 42.18 -8.46
N SER C 157 -22.15 42.11 -7.23
CA SER C 157 -23.46 41.53 -6.95
C SER C 157 -24.54 42.61 -7.08
N THR C 158 -25.78 42.23 -6.77
CA THR C 158 -26.90 43.17 -6.90
C THR C 158 -26.79 44.33 -5.91
N ASP C 159 -26.23 44.09 -4.73
CA ASP C 159 -26.05 45.14 -3.74
C ASP C 159 -24.88 46.06 -4.06
N HIS C 160 -24.26 45.92 -5.23
CA HIS C 160 -23.04 46.65 -5.58
C HIS C 160 -21.92 46.35 -4.59
N CYS C 161 -21.82 45.10 -4.18
CA CYS C 161 -20.75 44.65 -3.30
C CYS C 161 -19.66 43.99 -4.12
N LYS C 162 -18.41 44.36 -3.82
CA LYS C 162 -17.25 43.85 -4.54
C LYS C 162 -16.76 42.60 -3.84
N MET C 163 -16.89 41.46 -4.51
CA MET C 163 -16.70 40.16 -3.87
C MET C 163 -15.81 39.28 -4.73
N LEU C 164 -15.04 38.41 -4.07
CA LEU C 164 -14.23 37.42 -4.76
C LEU C 164 -14.52 36.02 -4.23
N HIS C 165 -14.22 35.04 -5.08
CA HIS C 165 -14.19 33.62 -4.74
C HIS C 165 -12.75 33.15 -4.71
N GLY C 166 -12.42 32.33 -3.72
CA GLY C 166 -11.06 31.88 -3.55
C GLY C 166 -10.99 30.42 -3.14
N ARG C 167 -9.86 29.82 -3.44
CA ARG C 167 -9.53 28.47 -3.02
C ARG C 167 -8.44 28.53 -1.95
N PHE C 168 -8.52 27.66 -0.95
CA PHE C 168 -7.61 27.70 0.17
C PHE C 168 -6.22 27.20 -0.22
N LEU C 169 -5.17 27.92 0.18
CA LEU C 169 -3.78 27.49 -0.01
C LEU C 169 -3.19 27.18 1.35
N GLN C 170 -2.94 25.90 1.62
CA GLN C 170 -2.45 25.44 2.91
C GLN C 170 -0.93 25.48 2.95
N ARG C 171 -0.40 25.71 4.14
CA ARG C 171 1.04 25.73 4.35
C ARG C 171 1.55 24.31 4.60
N GLY C 172 2.78 24.06 4.16
CA GLY C 172 3.37 22.74 4.28
C GLY C 172 3.54 22.26 5.70
N SER C 173 3.60 23.17 6.66
CA SER C 173 3.72 22.81 8.07
C SER C 173 2.43 22.27 8.66
N MET C 174 1.29 22.54 8.01
CA MET C 174 -0.01 22.11 8.48
C MET C 174 -0.47 20.82 7.82
N THR C 175 0.43 20.11 7.15
CA THR C 175 0.09 18.89 6.43
C THR C 175 0.83 17.72 7.09
N VAL C 176 0.76 16.57 6.43
CA VAL C 176 1.45 15.38 6.90
C VAL C 176 2.97 15.54 6.89
N LEU C 177 3.49 16.57 6.23
CA LEU C 177 4.93 16.77 6.15
C LEU C 177 5.52 17.27 7.46
N GLY C 178 4.80 18.12 8.19
CA GLY C 178 5.24 18.58 9.49
C GLY C 178 6.44 19.51 9.48
N ASN C 179 7.55 19.06 10.08
CA ASN C 179 8.76 19.86 10.17
C ASN C 179 9.70 19.65 8.99
N ALA C 180 9.33 18.81 8.03
CA ALA C 180 10.16 18.54 6.87
C ALA C 180 9.79 19.42 5.68
N ALA C 181 8.80 20.29 5.82
CA ALA C 181 8.27 21.07 4.71
C ALA C 181 9.05 22.37 4.50
N ASN C 182 8.97 22.88 3.28
CA ASN C 182 9.56 24.18 2.97
C ASN C 182 8.69 25.31 3.50
N GLU C 183 9.34 26.42 3.81
CA GLU C 183 8.63 27.58 4.33
C GLU C 183 7.90 28.35 3.24
N ARG C 184 8.33 28.20 1.98
CA ARG C 184 7.78 28.98 0.88
C ARG C 184 6.81 28.20 0.01
N GLU C 185 6.59 26.92 0.29
CA GLU C 185 5.75 26.08 -0.55
C GLU C 185 4.34 26.02 0.01
N LEU C 186 3.36 26.26 -0.84
CA LEU C 186 1.95 26.15 -0.50
C LEU C 186 1.34 25.02 -1.32
N PHE C 187 0.24 24.47 -0.80
CA PHE C 187 -0.46 23.37 -1.44
C PHE C 187 -1.92 23.76 -1.64
N LEU C 188 -2.43 23.53 -2.84
CA LEU C 188 -3.81 23.87 -3.15
C LEU C 188 -4.75 22.77 -2.67
N THR C 189 -5.92 23.18 -2.17
CA THR C 189 -6.90 22.26 -1.61
C THR C 189 -8.23 22.44 -2.33
N ASN C 190 -9.22 21.65 -1.92
CA ASN C 190 -10.55 21.71 -2.50
C ASN C 190 -11.53 22.52 -1.65
N GLU C 191 -11.04 23.20 -0.62
CA GLU C 191 -11.89 24.11 0.16
C GLU C 191 -12.01 25.46 -0.53
N CYS C 192 -13.18 26.07 -0.41
CA CYS C 192 -13.49 27.31 -1.11
C CYS C 192 -13.95 28.37 -0.10
N MET C 193 -14.04 29.60 -0.60
CA MET C 193 -14.41 30.73 0.23
C MET C 193 -14.95 31.83 -0.69
N THR C 194 -15.87 32.63 -0.16
CA THR C 194 -16.41 33.79 -0.87
C THR C 194 -16.46 34.97 0.11
N THR C 195 -15.76 36.05 -0.23
CA THR C 195 -15.65 37.18 0.68
C THR C 195 -15.82 38.48 -0.07
N GLN C 196 -15.95 39.56 0.70
CA GLN C 196 -15.92 40.91 0.17
C GLN C 196 -14.49 41.44 0.19
N LEU C 197 -14.18 42.33 -0.75
CA LEU C 197 -12.82 42.83 -0.89
C LEU C 197 -12.40 43.70 0.28
N LYS C 198 -13.35 44.19 1.07
CA LYS C 198 -13.01 44.98 2.26
C LYS C 198 -12.30 44.13 3.30
N ASP C 199 -12.59 42.84 3.36
CA ASP C 199 -12.14 41.98 4.44
C ASP C 199 -10.79 41.33 4.17
N ILE C 200 -10.10 41.70 3.11
CA ILE C 200 -8.79 41.13 2.83
C ILE C 200 -7.71 42.04 3.41
N LYS C 201 -6.69 41.42 3.99
CA LYS C 201 -5.64 42.17 4.65
C LYS C 201 -4.58 42.65 3.67
N GLY C 202 -4.13 41.76 2.79
CA GLY C 202 -3.10 42.13 1.84
C GLY C 202 -3.02 41.18 0.67
N VAL C 203 -2.14 41.51 -0.26
CA VAL C 203 -1.87 40.70 -1.44
C VAL C 203 -0.48 40.11 -1.32
N ALA C 204 -0.37 38.81 -1.55
CA ALA C 204 0.89 38.11 -1.38
C ALA C 204 1.58 37.93 -2.73
N SER C 205 2.90 37.71 -2.66
CA SER C 205 3.69 37.41 -3.85
C SER C 205 3.67 35.91 -4.07
N PHE C 206 3.07 35.48 -5.18
CA PHE C 206 2.71 34.08 -5.38
C PHE C 206 2.94 33.69 -6.83
N GLU C 207 3.47 32.49 -7.05
CA GLU C 207 3.64 31.99 -8.40
C GLU C 207 3.34 30.50 -8.46
N ILE C 208 2.89 30.05 -9.63
CA ILE C 208 2.60 28.65 -9.89
C ILE C 208 3.76 28.06 -10.69
N ARG C 209 4.35 26.99 -10.17
CA ARG C 209 5.59 26.45 -10.70
C ARG C 209 5.28 25.21 -11.54
N SER C 210 5.54 25.38 -12.83
CA SER C 210 5.42 24.26 -13.79
C SER C 210 6.83 24.05 -14.31
N ARG C 211 7.35 22.85 -14.14
CA ARG C 211 8.73 22.62 -14.52
C ARG C 211 8.83 21.34 -15.36
N PRO C 212 9.65 21.34 -16.40
CA PRO C 212 9.71 20.16 -17.29
C PRO C 212 10.27 18.94 -16.57
N TRP C 213 9.85 17.77 -17.03
CA TRP C 213 10.20 16.50 -16.42
C TRP C 213 11.21 15.75 -17.27
N GLY C 214 12.26 15.27 -16.64
CA GLY C 214 13.20 14.41 -17.33
C GLY C 214 14.52 14.32 -16.60
N HIS C 215 15.31 13.34 -17.00
CA HIS C 215 16.68 13.21 -16.50
C HIS C 215 17.61 14.23 -17.14
N GLN C 216 17.23 14.81 -18.27
CA GLN C 216 18.06 15.78 -18.96
C GLN C 216 17.90 17.20 -18.43
N TYR C 217 16.97 17.42 -17.50
CA TYR C 217 16.73 18.74 -16.95
C TYR C 217 17.23 18.91 -15.53
N ARG C 218 17.61 17.81 -14.85
CA ARG C 218 17.90 17.89 -13.44
C ARG C 218 19.16 18.70 -13.14
N LYS C 219 20.10 18.79 -14.07
CA LYS C 219 21.24 19.68 -13.86
C LYS C 219 20.88 21.15 -14.05
N LYS C 220 19.90 21.44 -14.90
CA LYS C 220 19.41 22.81 -14.99
C LYS C 220 18.56 23.18 -13.78
N ASN C 221 17.69 22.25 -13.36
CA ASN C 221 16.83 22.51 -12.20
C ASN C 221 17.65 22.76 -10.95
N ILE C 222 18.80 22.12 -10.81
CA ILE C 222 19.70 22.44 -9.69
C ILE C 222 20.09 23.90 -9.73
N THR C 223 20.55 24.38 -10.90
CA THR C 223 21.09 25.73 -10.99
C THR C 223 20.05 26.76 -10.55
N ALA C 224 18.88 26.72 -11.17
CA ALA C 224 17.81 27.64 -10.79
C ALA C 224 17.52 27.54 -9.30
N ASP C 225 17.49 26.32 -8.77
CA ASP C 225 17.17 26.15 -7.36
C ASP C 225 18.18 26.89 -6.48
N LYS C 226 19.46 26.79 -6.81
CA LYS C 226 20.46 27.53 -6.05
C LYS C 226 20.16 29.02 -6.12
N LEU C 227 19.87 29.52 -7.32
CA LEU C 227 19.56 30.94 -7.47
C LEU C 227 18.32 31.31 -6.68
N ASP C 228 17.38 30.37 -6.53
CA ASP C 228 16.18 30.65 -5.77
C ASP C 228 16.46 30.67 -4.27
N TRP C 229 17.41 29.86 -3.81
CA TRP C 229 17.70 29.81 -2.38
C TRP C 229 18.38 31.10 -1.94
N ALA C 230 19.40 31.53 -2.67
CA ALA C 230 20.15 32.73 -2.29
C ALA C 230 19.23 33.93 -2.16
N ARG C 231 18.40 34.18 -3.17
CA ARG C 231 17.51 35.34 -3.12
C ARG C 231 16.56 35.25 -1.94
N ALA C 232 16.27 34.03 -1.46
CA ALA C 232 15.47 33.89 -0.26
C ALA C 232 16.21 34.42 0.96
N LEU C 233 17.44 33.98 1.22
CA LEU C 233 18.15 34.40 2.46
C LEU C 233 18.34 35.91 2.48
N GLU C 234 18.71 36.50 1.36
CA GLU C 234 18.83 37.96 1.40
C GLU C 234 17.50 38.61 1.75
N ARG C 235 16.40 38.13 1.15
CA ARG C 235 15.11 38.71 1.48
C ARG C 235 14.78 38.47 2.94
N LYS C 236 15.34 37.41 3.53
CA LYS C 236 15.10 37.14 4.94
C LYS C 236 15.95 38.02 5.83
N VAL C 237 17.15 38.40 5.40
CA VAL C 237 18.01 39.20 6.27
C VAL C 237 17.68 40.68 6.18
N LYS C 238 17.02 41.12 5.12
CA LYS C 238 16.52 42.49 5.03
C LYS C 238 15.09 42.63 5.51
N ASP C 239 14.45 41.53 5.93
CA ASP C 239 13.07 41.53 6.40
C ASP C 239 12.13 42.08 5.33
N LEU C 240 12.06 41.33 4.24
CA LEU C 240 11.18 41.62 3.12
C LEU C 240 10.08 40.56 3.02
N PRO C 241 8.97 40.88 2.37
CA PRO C 241 7.86 39.91 2.29
C PRO C 241 8.28 38.61 1.61
N THR C 242 7.65 37.52 2.04
CA THR C 242 7.99 36.19 1.55
C THR C 242 7.37 35.95 0.17
N GLU C 243 8.08 35.20 -0.66
CA GLU C 243 7.60 34.80 -1.97
C GLU C 243 7.19 33.33 -1.93
N TYR C 244 5.98 33.05 -2.39
CA TYR C 244 5.44 31.70 -2.33
C TYR C 244 5.31 31.10 -3.71
N TYR C 245 5.40 29.78 -3.77
CA TYR C 245 5.17 29.04 -5.00
C TYR C 245 4.28 27.85 -4.72
N CYS C 246 3.55 27.42 -5.73
CA CYS C 246 2.70 26.25 -5.65
C CYS C 246 2.95 25.33 -6.83
N LYS C 247 3.02 24.03 -6.57
CA LYS C 247 3.14 23.06 -7.65
C LYS C 247 2.32 21.80 -7.46
N SER C 248 1.59 21.64 -6.36
CA SER C 248 0.85 20.41 -6.11
C SER C 248 -0.51 20.72 -5.49
N LEU C 249 -1.34 19.68 -5.42
CA LEU C 249 -2.65 19.72 -4.79
C LEU C 249 -2.69 18.68 -3.68
N TYR C 250 -3.06 19.08 -2.48
CA TYR C 250 -3.05 18.20 -1.32
C TYR C 250 -4.45 17.64 -1.10
N SER C 251 -4.59 16.32 -1.23
CA SER C 251 -5.86 15.65 -0.95
C SER C 251 -5.69 14.75 0.27
N PRO C 252 -6.14 15.19 1.45
CA PRO C 252 -6.06 14.31 2.63
C PRO C 252 -7.08 13.19 2.63
N GLU C 253 -8.18 13.30 1.87
CA GLU C 253 -9.15 12.22 1.77
C GLU C 253 -8.79 11.20 0.72
N ARG C 254 -7.82 11.51 -0.15
CA ARG C 254 -7.20 10.53 -1.02
C ARG C 254 -5.80 10.16 -0.57
N GLY C 255 -5.32 10.79 0.50
CA GLY C 255 -4.01 10.49 1.06
C GLY C 255 -2.87 10.75 0.11
N GLY C 256 -2.78 11.96 -0.45
CA GLY C 256 -1.67 12.17 -1.35
C GLY C 256 -1.53 13.60 -1.85
N PHE C 257 -0.49 13.80 -2.64
CA PHE C 257 -0.22 15.03 -3.35
C PHE C 257 -0.31 14.74 -4.84
N PHE C 258 -1.14 15.50 -5.54
CA PHE C 258 -1.45 15.25 -6.94
C PHE C 258 -1.08 16.47 -7.78
N SER C 259 -1.14 16.29 -9.10
CA SER C 259 -0.75 17.35 -10.01
C SER C 259 -1.81 18.43 -10.07
N LEU C 260 -1.38 19.63 -10.40
CA LEU C 260 -2.28 20.78 -10.50
C LEU C 260 -3.12 20.66 -11.76
N PRO C 261 -4.46 20.74 -11.66
CA PRO C 261 -5.33 20.78 -12.85
C PRO C 261 -5.34 22.16 -13.50
N LEU C 262 -4.33 22.41 -14.33
CA LEU C 262 -4.01 23.77 -14.75
C LEU C 262 -5.07 24.40 -15.65
N SER C 263 -5.89 23.60 -16.31
CA SER C 263 -6.93 24.14 -17.18
C SER C 263 -8.21 24.45 -16.44
N ASP C 264 -8.33 24.07 -15.17
CA ASP C 264 -9.54 24.29 -14.39
C ASP C 264 -9.41 25.44 -13.39
N ILE C 265 -8.23 26.00 -13.21
CA ILE C 265 -8.02 27.04 -12.22
C ILE C 265 -7.75 28.36 -12.92
N GLY C 266 -8.15 29.45 -12.27
CA GLY C 266 -7.97 30.78 -12.81
C GLY C 266 -8.73 31.06 -14.09
N ARG C 267 -10.01 30.67 -14.12
CA ARG C 267 -10.84 30.88 -15.33
C ARG C 267 -11.55 32.24 -15.27
N SER C 268 -11.45 32.94 -14.13
CA SER C 268 -12.09 34.28 -13.97
C SER C 268 -13.58 34.21 -14.33
N SER C 269 -14.11 32.99 -14.46
CA SER C 269 -15.55 32.79 -14.76
C SER C 269 -16.28 32.45 -13.47
N GLY C 270 -17.57 32.82 -13.36
CA GLY C 270 -18.34 32.58 -12.13
C GLY C 270 -18.44 31.11 -11.75
N PHE C 271 -17.96 30.21 -12.61
CA PHE C 271 -18.01 28.75 -12.32
C PHE C 271 -16.73 28.31 -11.59
N CYS C 272 -16.78 27.36 -10.67
CA CYS C 272 -15.56 26.83 -10.00
C CYS C 272 -15.73 25.32 -9.94
N THR C 273 -14.68 24.53 -10.17
CA THR C 273 -14.76 23.08 -10.26
C THR C 273 -14.89 22.42 -8.89
N SER C 274 -14.34 23.03 -7.84
CA SER C 274 -14.46 22.47 -6.50
C SER C 274 -15.88 22.55 -5.98
N CYS C 275 -16.57 23.66 -6.26
CA CYS C 275 -17.97 23.78 -5.87
C CYS C 275 -18.83 22.76 -6.62
N LYS C 276 -18.51 22.52 -7.89
CA LYS C 276 -19.19 21.47 -8.64
C LYS C 276 -18.94 20.10 -8.01
N ILE C 277 -17.72 19.84 -7.57
CA ILE C 277 -17.41 18.58 -6.91
C ILE C 277 -18.24 18.42 -5.64
N ARG C 278 -18.31 19.47 -4.81
CA ARG C 278 -19.11 19.36 -3.58
C ARG C 278 -20.59 19.17 -3.88
N GLU C 279 -21.13 19.88 -4.88
CA GLU C 279 -22.53 19.69 -5.22
C GLU C 279 -22.81 18.27 -5.69
N ASP C 280 -21.95 17.73 -6.55
CA ASP C 280 -22.13 16.36 -7.00
C ASP C 280 -22.01 15.38 -5.84
N GLU C 281 -21.11 15.66 -4.89
CA GLU C 281 -20.98 14.82 -3.71
C GLU C 281 -22.26 14.79 -2.88
N GLU C 282 -22.87 15.96 -2.67
CA GLU C 282 -24.06 15.99 -1.84
C GLU C 282 -25.29 15.46 -2.59
N LYS C 283 -25.26 15.46 -3.92
CA LYS C 283 -26.33 14.79 -4.67
C LYS C 283 -26.23 13.28 -4.61
N ARG C 284 -25.06 12.71 -4.33
CA ARG C 284 -24.87 11.28 -4.33
C ARG C 284 -25.03 10.66 -2.95
N SER C 285 -25.45 11.42 -1.96
CA SER C 285 -25.79 10.90 -0.64
C SER C 285 -27.26 11.20 -0.38
N THR C 286 -28.13 10.35 -0.91
CA THR C 286 -29.58 10.44 -0.77
C THR C 286 -30.18 9.21 -1.41
N ILE C 287 -31.35 8.79 -0.92
CA ILE C 287 -32.04 7.62 -1.42
C ILE C 287 -33.21 8.12 -2.27
N LYS C 288 -33.09 7.98 -3.58
CA LYS C 288 -34.06 8.53 -4.52
C LYS C 288 -34.58 7.43 -5.43
N LEU C 289 -35.89 7.46 -5.68
CA LEU C 289 -36.53 6.41 -6.53
C LEU C 289 -36.58 6.89 -7.98
N ASN C 290 -36.58 5.94 -8.93
CA ASN C 290 -36.66 6.23 -10.34
C ASN C 290 -38.11 6.54 -10.65
N VAL C 291 -38.34 7.38 -11.66
CA VAL C 291 -39.70 7.79 -11.99
C VAL C 291 -40.62 6.60 -12.23
N SER C 292 -40.05 5.42 -12.45
CA SER C 292 -40.87 4.24 -12.74
C SER C 292 -40.95 3.27 -11.57
N LYS C 293 -40.50 3.72 -10.39
CA LYS C 293 -40.56 2.89 -9.16
C LYS C 293 -39.99 1.50 -9.46
N THR C 294 -39.29 1.34 -10.58
CA THR C 294 -38.67 0.07 -10.88
C THR C 294 -37.24 0.07 -10.36
N GLY C 295 -36.81 1.21 -9.84
CA GLY C 295 -35.45 1.31 -9.37
C GLY C 295 -35.09 2.39 -8.38
N PHE C 296 -33.87 2.31 -7.84
CA PHE C 296 -33.50 3.30 -6.80
C PHE C 296 -32.00 3.59 -6.79
N PHE C 297 -31.64 4.83 -6.50
CA PHE C 297 -30.26 5.28 -6.42
C PHE C 297 -29.85 5.37 -4.96
N ILE C 298 -28.77 4.67 -4.59
CA ILE C 298 -28.21 4.80 -3.24
C ILE C 298 -26.70 4.74 -3.34
N ASN C 299 -26.03 5.67 -2.66
CA ASN C 299 -24.57 5.76 -2.64
C ASN C 299 -23.97 5.82 -4.04
N GLY C 300 -24.69 6.41 -4.98
CA GLY C 300 -24.18 6.50 -6.34
C GLY C 300 -24.25 5.22 -7.14
N ILE C 301 -25.09 4.27 -6.72
CA ILE C 301 -25.30 3.02 -7.44
C ILE C 301 -26.80 2.91 -7.73
N GLU C 302 -27.12 2.42 -8.92
CA GLU C 302 -28.50 2.22 -9.32
C GLU C 302 -28.86 0.74 -9.19
N TYR C 303 -29.91 0.47 -8.44
CA TYR C 303 -30.42 -0.89 -8.25
C TYR C 303 -31.76 -1.02 -8.96
N SER C 304 -31.89 -2.07 -9.77
CA SER C 304 -33.11 -2.34 -10.52
C SER C 304 -33.69 -3.68 -10.09
N VAL C 305 -34.93 -3.93 -10.53
CA VAL C 305 -35.59 -5.19 -10.24
C VAL C 305 -34.94 -6.30 -11.04
N GLU C 306 -34.72 -7.44 -10.37
CA GLU C 306 -34.05 -8.64 -10.90
C GLU C 306 -32.54 -8.51 -10.95
N ASP C 307 -31.96 -7.55 -10.23
CA ASP C 307 -30.52 -7.44 -10.07
C ASP C 307 -30.06 -8.30 -8.89
N PHE C 308 -28.80 -8.69 -8.93
CA PHE C 308 -28.18 -9.48 -7.87
C PHE C 308 -27.35 -8.56 -6.98
N VAL C 309 -27.55 -8.68 -5.66
CA VAL C 309 -27.04 -7.71 -4.69
C VAL C 309 -26.38 -8.42 -3.52
N TYR C 310 -25.56 -7.65 -2.80
CA TYR C 310 -24.86 -8.07 -1.59
C TYR C 310 -25.59 -7.54 -0.36
N VAL C 311 -25.72 -8.38 0.65
CA VAL C 311 -26.33 -8.01 1.92
C VAL C 311 -25.39 -8.42 3.05
N ASN C 312 -25.31 -7.59 4.09
CA ASN C 312 -24.51 -7.93 5.26
C ASN C 312 -25.08 -9.17 5.95
N PRO C 313 -24.22 -10.05 6.47
CA PRO C 313 -24.74 -11.24 7.18
C PRO C 313 -25.50 -10.91 8.45
N ASP C 314 -25.25 -9.75 9.05
CA ASP C 314 -25.92 -9.38 10.29
C ASP C 314 -27.28 -8.76 10.08
N SER C 315 -27.63 -8.39 8.85
CA SER C 315 -28.90 -7.75 8.55
C SER C 315 -30.02 -8.73 8.26
N ILE C 316 -29.70 -9.99 8.00
CA ILE C 316 -30.72 -11.01 7.73
C ILE C 316 -30.98 -11.88 8.95
N GLY C 317 -29.93 -12.39 9.59
CA GLY C 317 -30.07 -13.23 10.75
C GLY C 317 -30.66 -12.53 11.95
N LYS C 328 -2.77 -16.87 18.58
CA LYS C 328 -4.03 -17.56 18.30
C LYS C 328 -4.08 -18.08 16.87
N SER C 329 -3.81 -17.18 15.92
CA SER C 329 -3.80 -17.47 14.50
C SER C 329 -5.16 -17.99 14.03
N GLY C 330 -6.21 -17.67 14.78
CA GLY C 330 -7.54 -17.76 14.20
C GLY C 330 -8.48 -16.79 14.86
N ARG C 331 -9.01 -15.86 14.07
CA ARG C 331 -10.05 -14.96 14.53
C ARG C 331 -11.06 -14.74 13.41
N ASN C 332 -10.91 -15.42 12.29
CA ASN C 332 -11.92 -15.49 11.25
C ASN C 332 -12.90 -16.61 11.48
N ILE C 333 -12.75 -17.36 12.58
CA ILE C 333 -13.71 -18.39 12.94
C ILE C 333 -15.05 -17.74 13.20
N GLY C 334 -16.04 -18.07 12.39
CA GLY C 334 -17.34 -17.47 12.53
C GLY C 334 -17.50 -16.11 11.88
N LEU C 335 -16.59 -15.72 11.01
CA LEU C 335 -16.75 -14.51 10.19
C LEU C 335 -17.32 -14.94 8.85
N ARG C 336 -18.47 -14.37 8.50
CA ARG C 336 -19.25 -14.80 7.35
C ARG C 336 -19.15 -13.77 6.22
N ALA C 337 -19.34 -14.25 5.01
CA ALA C 337 -19.23 -13.43 3.82
C ALA C 337 -20.58 -12.81 3.46
N TYR C 338 -20.59 -12.01 2.40
CA TYR C 338 -21.82 -11.36 1.95
C TYR C 338 -22.87 -12.39 1.58
N VAL C 339 -24.13 -12.05 1.82
CA VAL C 339 -25.25 -12.85 1.35
C VAL C 339 -25.64 -12.34 -0.03
N VAL C 340 -25.72 -13.25 -1.00
CA VAL C 340 -26.04 -12.92 -2.37
C VAL C 340 -27.52 -13.13 -2.59
N CYS C 341 -28.22 -12.07 -3.00
CA CYS C 341 -29.67 -12.13 -3.14
C CYS C 341 -30.09 -11.57 -4.50
N GLN C 342 -31.27 -11.95 -4.93
CA GLN C 342 -31.91 -11.37 -6.10
C GLN C 342 -33.05 -10.48 -5.67
N LEU C 343 -33.08 -9.26 -6.21
CA LEU C 343 -34.08 -8.27 -5.85
C LEU C 343 -35.36 -8.54 -6.65
N LEU C 344 -36.48 -8.70 -5.95
CA LEU C 344 -37.74 -9.04 -6.59
C LEU C 344 -38.70 -7.86 -6.70
N GLU C 345 -38.82 -7.04 -5.66
CA GLU C 345 -39.91 -6.08 -5.58
C GLU C 345 -39.49 -4.87 -4.75
N ILE C 346 -40.25 -3.80 -4.87
CA ILE C 346 -40.11 -2.61 -4.04
C ILE C 346 -41.44 -2.38 -3.33
N VAL C 347 -41.42 -2.45 -2.01
CA VAL C 347 -42.63 -2.43 -1.19
C VAL C 347 -42.87 -1.02 -0.71
N PRO C 348 -44.04 -0.42 -0.98
CA PRO C 348 -44.22 1.03 -0.76
C PRO C 348 -43.97 1.46 0.68
N LYS C 349 -44.69 0.89 1.63
CA LYS C 349 -44.52 1.20 3.05
C LYS C 349 -44.64 2.69 3.33
N GLY C 357 -39.35 9.40 -0.71
CA GLY C 357 -40.29 8.48 -0.11
C GLY C 357 -39.65 7.22 0.44
N SER C 358 -40.08 6.83 1.63
CA SER C 358 -39.56 5.63 2.26
C SER C 358 -40.12 4.39 1.60
N PHE C 359 -39.27 3.37 1.46
CA PHE C 359 -39.68 2.11 0.83
C PHE C 359 -38.82 0.99 1.41
N ASP C 360 -39.27 -0.24 1.20
CA ASP C 360 -38.54 -1.43 1.62
C ASP C 360 -38.39 -2.35 0.41
N VAL C 361 -37.39 -3.24 0.46
CA VAL C 361 -37.08 -4.09 -0.67
C VAL C 361 -37.30 -5.55 -0.30
N LYS C 362 -37.67 -6.34 -1.30
CA LYS C 362 -37.93 -7.77 -1.14
C LYS C 362 -36.87 -8.54 -1.92
N VAL C 363 -36.23 -9.51 -1.25
CA VAL C 363 -35.12 -10.23 -1.85
C VAL C 363 -35.30 -11.74 -1.64
N ARG C 364 -34.70 -12.51 -2.54
CA ARG C 364 -34.62 -13.96 -2.41
C ARG C 364 -33.15 -14.36 -2.34
N ARG C 365 -32.80 -15.17 -1.34
CA ARG C 365 -31.41 -15.36 -0.96
C ARG C 365 -30.82 -16.65 -1.52
N PHE C 366 -29.52 -16.62 -1.78
CA PHE C 366 -28.72 -17.78 -2.12
C PHE C 366 -27.96 -18.24 -0.88
N TYR C 367 -27.60 -19.52 -0.86
CA TYR C 367 -26.80 -20.07 0.22
C TYR C 367 -25.39 -20.40 -0.29
N ARG C 368 -24.47 -20.54 0.64
CA ARG C 368 -23.07 -20.79 0.33
C ARG C 368 -22.64 -22.17 0.82
N PRO C 369 -21.58 -22.73 0.23
CA PRO C 369 -21.13 -24.07 0.65
C PRO C 369 -20.75 -24.16 2.12
N GLU C 370 -20.30 -23.07 2.73
CA GLU C 370 -19.96 -23.09 4.16
C GLU C 370 -21.17 -22.98 5.06
N ASP C 371 -22.37 -22.82 4.49
CA ASP C 371 -23.59 -22.87 5.27
C ASP C 371 -24.08 -24.29 5.50
N VAL C 372 -23.40 -25.29 4.94
CA VAL C 372 -23.72 -26.69 5.20
C VAL C 372 -22.74 -27.24 6.23
N SER C 373 -21.46 -27.24 5.89
CA SER C 373 -20.42 -27.69 6.83
C SER C 373 -19.08 -27.15 6.36
N ALA C 374 -18.07 -27.35 7.20
CA ALA C 374 -16.71 -27.00 6.82
C ALA C 374 -16.14 -28.00 5.82
N GLU C 375 -16.58 -29.25 5.88
CA GLU C 375 -16.13 -30.26 4.92
C GLU C 375 -16.63 -29.96 3.52
N LYS C 376 -17.83 -29.39 3.42
CA LYS C 376 -18.37 -29.01 2.12
C LYS C 376 -17.69 -27.76 1.56
N ALA C 377 -17.29 -26.83 2.44
CA ALA C 377 -16.58 -25.64 2.01
C ALA C 377 -15.15 -25.96 1.63
N TYR C 378 -14.57 -27.00 2.21
CA TYR C 378 -13.22 -27.42 1.85
C TYR C 378 -13.15 -27.87 0.39
N ALA C 379 -14.14 -28.63 -0.05
CA ALA C 379 -14.11 -29.27 -1.37
C ALA C 379 -14.81 -28.48 -2.47
N SER C 380 -15.32 -27.29 -2.19
CA SER C 380 -16.10 -26.54 -3.16
C SER C 380 -15.36 -25.30 -3.65
N ASP C 381 -15.81 -24.80 -4.79
CA ASP C 381 -15.23 -23.59 -5.38
C ASP C 381 -15.66 -22.36 -4.61
N ILE C 382 -14.84 -21.31 -4.67
CA ILE C 382 -15.10 -20.08 -3.95
C ILE C 382 -16.28 -19.32 -4.57
N GLN C 383 -16.60 -19.57 -5.83
CA GLN C 383 -17.63 -18.83 -6.55
C GLN C 383 -18.92 -19.64 -6.73
N GLU C 384 -19.17 -20.62 -5.87
CA GLU C 384 -20.36 -21.46 -6.00
C GLU C 384 -21.44 -21.03 -5.01
N LEU C 385 -22.69 -21.08 -5.47
CA LEU C 385 -23.84 -20.77 -4.64
C LEU C 385 -24.90 -21.84 -4.83
N TYR C 386 -25.87 -21.85 -3.91
CA TYR C 386 -27.00 -22.78 -3.94
C TYR C 386 -28.31 -21.98 -3.95
N PHE C 387 -29.28 -22.49 -4.69
CA PHE C 387 -30.58 -21.85 -4.89
C PHE C 387 -31.53 -22.17 -3.74
N SER C 388 -32.33 -21.19 -3.34
CA SER C 388 -33.35 -21.39 -2.33
C SER C 388 -34.57 -20.54 -2.66
N GLN C 389 -35.63 -20.74 -1.88
CA GLN C 389 -36.88 -19.99 -2.03
C GLN C 389 -37.16 -19.08 -0.84
N ASP C 390 -36.16 -18.80 -0.02
CA ASP C 390 -36.34 -18.04 1.21
C ASP C 390 -36.27 -16.55 0.93
N THR C 391 -37.32 -15.83 1.32
CA THR C 391 -37.52 -14.43 0.97
C THR C 391 -37.45 -13.55 2.21
N VAL C 392 -36.87 -12.36 2.05
CA VAL C 392 -36.66 -11.42 3.15
C VAL C 392 -37.12 -10.04 2.71
N VAL C 393 -37.64 -9.26 3.66
CA VAL C 393 -37.97 -7.84 3.45
C VAL C 393 -36.97 -7.02 4.25
N LEU C 394 -36.25 -6.13 3.57
CA LEU C 394 -35.12 -5.42 4.14
C LEU C 394 -35.24 -3.92 3.92
N PRO C 395 -34.64 -3.12 4.81
CA PRO C 395 -34.52 -1.69 4.52
C PRO C 395 -33.52 -1.46 3.40
N PRO C 396 -33.65 -0.35 2.67
CA PRO C 396 -32.73 -0.10 1.55
C PRO C 396 -31.28 0.06 1.96
N GLY C 397 -31.01 0.39 3.21
CA GLY C 397 -29.64 0.59 3.66
C GLY C 397 -28.87 -0.67 3.98
N ALA C 398 -29.48 -1.84 3.80
CA ALA C 398 -28.82 -3.11 4.05
C ALA C 398 -28.09 -3.65 2.83
N LEU C 399 -28.08 -2.91 1.73
CA LEU C 399 -27.49 -3.35 0.47
C LEU C 399 -26.09 -2.78 0.32
N GLU C 400 -25.14 -3.64 -0.06
CA GLU C 400 -23.74 -3.26 -0.09
C GLU C 400 -23.11 -3.28 -1.48
N GLY C 401 -23.83 -3.69 -2.51
CA GLY C 401 -23.29 -3.65 -3.85
C GLY C 401 -24.01 -4.63 -4.76
N LYS C 402 -23.53 -4.66 -6.00
CA LYS C 402 -24.12 -5.49 -7.04
C LYS C 402 -23.12 -6.56 -7.49
N CYS C 403 -23.66 -7.66 -8.01
CA CYS C 403 -22.85 -8.77 -8.51
C CYS C 403 -23.58 -9.41 -9.69
N GLU C 404 -23.04 -10.53 -10.16
CA GLU C 404 -23.61 -11.29 -11.27
C GLU C 404 -23.65 -12.77 -10.90
N VAL C 405 -24.74 -13.44 -11.26
CA VAL C 405 -24.89 -14.86 -11.03
C VAL C 405 -25.20 -15.52 -12.37
N ARG C 406 -24.39 -16.50 -12.75
CA ARG C 406 -24.47 -17.15 -14.04
C ARG C 406 -24.64 -18.66 -13.86
N LYS C 407 -24.61 -19.37 -14.99
CA LYS C 407 -24.48 -20.81 -15.00
C LYS C 407 -23.01 -21.19 -15.07
N LYS C 408 -22.72 -22.44 -14.72
CA LYS C 408 -21.33 -22.91 -14.77
C LYS C 408 -20.78 -22.85 -16.19
N SER C 409 -21.64 -23.04 -17.20
CA SER C 409 -21.19 -23.02 -18.58
C SER C 409 -20.82 -21.61 -19.05
N ASP C 410 -21.51 -20.59 -18.54
CA ASP C 410 -21.36 -19.23 -19.03
C ASP C 410 -20.31 -18.42 -18.28
N MET C 411 -19.49 -19.08 -17.47
CA MET C 411 -18.47 -18.38 -16.69
C MET C 411 -17.32 -17.92 -17.56
N PRO C 412 -16.56 -16.93 -17.11
CA PRO C 412 -15.36 -16.53 -17.87
C PRO C 412 -14.35 -17.66 -17.92
N LEU C 413 -13.60 -17.71 -19.02
CA LEU C 413 -12.57 -18.72 -19.19
C LEU C 413 -11.18 -18.24 -18.77
N SER C 414 -11.09 -17.03 -18.21
CA SER C 414 -9.84 -16.55 -17.64
C SER C 414 -9.85 -16.78 -16.13
N ARG C 415 -8.83 -17.45 -15.63
CA ARG C 415 -8.69 -17.75 -14.21
C ARG C 415 -7.50 -16.97 -13.66
N GLU C 416 -7.78 -16.01 -12.78
CA GLU C 416 -6.75 -15.26 -12.08
C GLU C 416 -6.80 -15.61 -10.59
N TYR C 417 -5.62 -15.72 -9.95
CA TYR C 417 -5.62 -16.14 -8.56
C TYR C 417 -6.23 -15.11 -7.63
N PRO C 418 -5.78 -13.85 -7.60
CA PRO C 418 -6.66 -12.83 -7.01
C PRO C 418 -7.85 -12.66 -7.94
N ILE C 419 -9.04 -13.00 -7.47
CA ILE C 419 -10.17 -13.20 -8.37
C ILE C 419 -10.54 -11.90 -9.08
N SER C 420 -10.87 -10.87 -8.30
CA SER C 420 -11.17 -9.53 -8.80
C SER C 420 -12.50 -9.46 -9.54
N ASP C 421 -13.15 -10.60 -9.76
CA ASP C 421 -14.41 -10.67 -10.50
C ASP C 421 -15.58 -10.82 -9.54
N HIS C 422 -16.63 -10.02 -9.76
CA HIS C 422 -17.86 -10.11 -8.97
C HIS C 422 -18.87 -11.03 -9.68
N ILE C 423 -18.44 -12.25 -9.97
CA ILE C 423 -19.25 -13.21 -10.71
C ILE C 423 -19.30 -14.51 -9.92
N PHE C 424 -20.50 -15.06 -9.77
CA PHE C 424 -20.73 -16.35 -9.13
C PHE C 424 -21.49 -17.25 -10.10
N PHE C 425 -21.47 -18.55 -9.84
CA PHE C 425 -22.23 -19.49 -10.65
C PHE C 425 -23.15 -20.32 -9.75
N CYS C 426 -24.30 -20.69 -10.30
CA CYS C 426 -25.27 -21.49 -9.57
C CYS C 426 -25.65 -22.72 -10.37
N ASP C 427 -25.59 -23.88 -9.73
CA ASP C 427 -26.01 -25.13 -10.33
C ASP C 427 -27.08 -25.86 -9.52
N LEU C 428 -26.89 -25.98 -8.20
CA LEU C 428 -27.63 -26.91 -7.36
C LEU C 428 -28.63 -26.18 -6.45
N PHE C 429 -29.24 -26.94 -5.54
CA PHE C 429 -30.34 -26.49 -4.71
C PHE C 429 -30.02 -26.78 -3.24
N PHE C 430 -30.55 -25.93 -2.36
CA PHE C 430 -30.38 -26.10 -0.92
C PHE C 430 -31.75 -26.08 -0.28
N ASP C 431 -32.13 -27.19 0.36
CA ASP C 431 -33.42 -27.33 1.00
C ASP C 431 -33.25 -27.10 2.50
N THR C 432 -34.00 -26.15 3.04
CA THR C 432 -33.92 -25.84 4.46
C THR C 432 -34.81 -26.75 5.28
N GLU C 482 3.12 -3.87 -25.21
CA GLU C 482 2.55 -2.56 -25.46
C GLU C 482 2.93 -1.58 -24.35
N ILE C 483 2.48 -1.86 -23.13
CA ILE C 483 2.68 -0.97 -22.01
C ILE C 483 3.66 -1.55 -20.99
N ARG C 484 4.44 -2.54 -21.37
CA ARG C 484 5.44 -3.10 -20.46
C ARG C 484 6.55 -2.09 -20.22
N LEU C 485 6.88 -1.86 -18.96
CA LEU C 485 7.89 -0.90 -18.57
C LEU C 485 9.20 -1.60 -18.24
N ALA C 486 10.30 -0.97 -18.65
CA ALA C 486 11.63 -1.42 -18.27
C ALA C 486 11.84 -1.15 -16.79
N THR C 487 12.08 -2.22 -16.01
CA THR C 487 12.01 -2.11 -14.57
C THR C 487 13.37 -2.43 -13.95
N LEU C 488 13.74 -1.60 -12.98
CA LEU C 488 14.86 -1.85 -12.09
C LEU C 488 14.32 -2.21 -10.71
N ASP C 489 14.66 -3.41 -10.25
CA ASP C 489 14.28 -3.90 -8.93
C ASP C 489 15.47 -3.77 -8.00
N ILE C 490 15.31 -2.99 -6.93
CA ILE C 490 16.38 -2.76 -5.97
C ILE C 490 16.01 -3.46 -4.67
N PHE C 491 16.97 -4.20 -4.11
CA PHE C 491 16.74 -5.13 -2.99
C PHE C 491 15.76 -6.22 -3.40
N ALA C 492 16.16 -6.98 -4.43
CA ALA C 492 15.23 -7.86 -5.13
C ALA C 492 14.87 -9.08 -4.29
N GLY C 493 15.85 -9.72 -3.68
CA GLY C 493 15.57 -10.91 -2.88
C GLY C 493 15.38 -12.12 -3.77
N CYS C 494 14.34 -12.90 -3.50
CA CYS C 494 14.02 -14.06 -4.34
C CYS C 494 13.16 -13.68 -5.54
N GLY C 495 12.31 -12.66 -5.41
CA GLY C 495 11.61 -12.13 -6.56
C GLY C 495 10.09 -12.13 -6.53
N GLY C 496 9.49 -12.10 -5.33
CA GLY C 496 8.03 -12.16 -5.26
C GLY C 496 7.34 -10.93 -5.84
N LEU C 497 7.85 -9.75 -5.50
CA LEU C 497 7.29 -8.51 -6.05
C LEU C 497 7.44 -8.48 -7.56
N SER C 498 8.61 -8.85 -8.04
CA SER C 498 8.83 -8.90 -9.48
C SER C 498 7.86 -9.90 -10.07
N HIS C 499 7.81 -11.10 -9.49
CA HIS C 499 6.95 -12.14 -10.04
C HIS C 499 5.53 -11.63 -10.25
N GLY C 500 4.98 -10.96 -9.23
CA GLY C 500 3.63 -10.44 -9.36
C GLY C 500 3.52 -9.33 -10.40
N LEU C 501 4.47 -8.41 -10.42
CA LEU C 501 4.42 -7.31 -11.37
C LEU C 501 4.66 -7.78 -12.80
N LYS C 502 5.39 -8.89 -12.97
CA LYS C 502 5.60 -9.48 -14.28
C LYS C 502 4.37 -10.25 -14.74
N LYS C 503 3.65 -10.87 -13.80
CA LYS C 503 2.40 -11.53 -14.14
C LYS C 503 1.31 -10.52 -14.49
N ALA C 504 1.36 -9.33 -13.88
CA ALA C 504 0.36 -8.31 -14.19
C ALA C 504 0.52 -7.72 -15.58
N GLY C 505 1.72 -7.78 -16.15
CA GLY C 505 1.95 -7.26 -17.49
C GLY C 505 2.52 -5.87 -17.56
N VAL C 506 3.02 -5.33 -16.46
CA VAL C 506 3.51 -3.95 -16.44
C VAL C 506 5.03 -3.87 -16.35
N SER C 507 5.70 -4.92 -15.92
CA SER C 507 7.14 -4.88 -15.67
C SER C 507 7.85 -5.96 -16.46
N ASP C 508 9.00 -5.61 -17.04
CA ASP C 508 10.04 -6.59 -17.31
C ASP C 508 11.22 -6.24 -16.44
N ALA C 509 11.56 -7.15 -15.53
CA ALA C 509 12.59 -6.92 -14.53
C ALA C 509 13.94 -7.03 -15.22
N LYS C 510 14.33 -5.96 -15.90
CA LYS C 510 15.51 -6.07 -16.76
C LYS C 510 16.80 -6.05 -15.96
N TRP C 511 16.82 -5.32 -14.84
CA TRP C 511 17.97 -5.25 -13.96
C TRP C 511 17.51 -5.45 -12.52
N ALA C 512 18.35 -6.14 -11.73
CA ALA C 512 18.07 -6.39 -10.33
C ALA C 512 19.37 -6.30 -9.52
N ILE C 513 19.22 -5.93 -8.25
CA ILE C 513 20.35 -5.75 -7.34
C ILE C 513 20.04 -6.44 -6.02
N GLU C 514 20.91 -7.43 -5.72
CA GLU C 514 20.74 -8.30 -4.54
C GLU C 514 22.12 -8.75 -4.02
N TYR C 515 22.60 -8.29 -2.85
CA TYR C 515 24.00 -8.60 -2.44
C TYR C 515 24.25 -10.03 -1.92
N GLU C 516 23.21 -10.80 -1.57
CA GLU C 516 23.32 -12.12 -0.98
C GLU C 516 23.34 -13.19 -2.07
N GLU C 517 24.35 -14.05 -2.02
CA GLU C 517 24.54 -15.05 -3.07
C GLU C 517 23.34 -15.97 -3.25
N PRO C 518 22.80 -16.61 -2.19
CA PRO C 518 21.66 -17.51 -2.44
C PRO C 518 20.43 -16.81 -2.98
N ALA C 519 20.15 -15.59 -2.54
CA ALA C 519 18.98 -14.86 -3.03
C ALA C 519 19.17 -14.45 -4.49
N GLY C 520 20.37 -14.00 -4.85
CA GLY C 520 20.64 -13.69 -6.25
C GLY C 520 20.56 -14.91 -7.13
N GLN C 521 21.03 -16.05 -6.63
CA GLN C 521 20.93 -17.29 -7.39
C GLN C 521 19.47 -17.69 -7.59
N ALA C 522 18.64 -17.53 -6.56
CA ALA C 522 17.22 -17.83 -6.70
C ALA C 522 16.54 -16.89 -7.69
N PHE C 523 16.87 -15.59 -7.63
CA PHE C 523 16.30 -14.65 -8.58
C PHE C 523 16.69 -14.99 -10.01
N LYS C 524 17.95 -15.38 -10.23
CA LYS C 524 18.38 -15.80 -11.55
C LYS C 524 17.72 -17.11 -11.98
N GLN C 525 17.43 -17.99 -11.03
CA GLN C 525 16.78 -19.25 -11.37
C GLN C 525 15.34 -19.02 -11.82
N ASN C 526 14.63 -18.09 -11.18
CA ASN C 526 13.23 -17.87 -11.49
C ASN C 526 13.01 -16.85 -12.60
N HIS C 527 13.95 -15.94 -12.84
CA HIS C 527 13.81 -14.89 -13.85
C HIS C 527 15.04 -14.95 -14.75
N PRO C 528 15.07 -15.88 -15.70
CA PRO C 528 16.32 -16.16 -16.43
C PRO C 528 16.74 -15.10 -17.42
N GLU C 529 15.85 -14.18 -17.80
CA GLU C 529 16.18 -13.16 -18.78
C GLU C 529 16.60 -11.84 -18.15
N SER C 530 16.83 -11.83 -16.85
CA SER C 530 17.15 -10.63 -16.10
C SER C 530 18.65 -10.52 -15.85
N THR C 531 19.13 -9.29 -15.74
CA THR C 531 20.52 -9.01 -15.45
C THR C 531 20.64 -8.73 -13.95
N VAL C 532 21.29 -9.63 -13.23
CA VAL C 532 21.34 -9.59 -11.78
C VAL C 532 22.73 -9.15 -11.34
N PHE C 533 22.77 -8.14 -10.47
CA PHE C 533 23.99 -7.67 -9.85
C PHE C 533 23.99 -8.13 -8.39
N VAL C 534 25.08 -8.75 -7.97
CA VAL C 534 25.15 -9.40 -6.68
C VAL C 534 26.12 -8.59 -5.83
N ASP C 535 26.09 -7.28 -6.02
CA ASP C 535 26.91 -6.32 -5.31
C ASP C 535 26.04 -5.54 -4.33
N ASN C 536 26.68 -4.64 -3.59
CA ASN C 536 25.97 -3.69 -2.74
C ASN C 536 25.40 -2.56 -3.59
N CYS C 537 24.22 -2.07 -3.21
CA CYS C 537 23.57 -1.02 -4.00
C CYS C 537 24.35 0.28 -3.99
N ASN C 538 25.11 0.54 -2.92
CA ASN C 538 25.96 1.72 -2.87
C ASN C 538 27.07 1.66 -3.91
N VAL C 539 27.72 0.50 -4.06
CA VAL C 539 28.76 0.33 -5.07
C VAL C 539 28.19 0.48 -6.48
N ILE C 540 27.01 -0.11 -6.72
CA ILE C 540 26.40 -0.03 -8.04
C ILE C 540 26.02 1.41 -8.37
N LEU C 541 25.47 2.14 -7.39
CA LEU C 541 25.13 3.54 -7.63
C LEU C 541 26.38 4.37 -7.93
N ARG C 542 27.47 4.13 -7.19
CA ARG C 542 28.70 4.84 -7.46
C ARG C 542 29.21 4.55 -8.86
N ALA C 543 29.12 3.29 -9.29
CA ALA C 543 29.59 2.92 -10.63
C ALA C 543 28.74 3.58 -11.71
N ILE C 544 27.42 3.62 -11.53
CA ILE C 544 26.55 4.25 -12.50
C ILE C 544 26.84 5.74 -12.60
N MET C 545 27.05 6.40 -11.46
CA MET C 545 27.33 7.82 -11.47
C MET C 545 28.71 8.14 -12.03
N GLU C 546 29.68 7.23 -11.85
CA GLU C 546 30.96 7.38 -12.53
C GLU C 546 30.79 7.25 -14.05
N LYS C 547 29.98 6.29 -14.48
CA LYS C 547 29.75 6.10 -15.91
C LYS C 547 29.10 7.32 -16.54
N GLY C 548 28.17 7.96 -15.83
CA GLY C 548 27.52 9.13 -16.37
C GLY C 548 28.35 10.39 -16.40
N GLY C 549 29.47 10.41 -15.66
CA GLY C 549 30.29 11.59 -15.57
C GLY C 549 29.99 12.49 -14.38
N ASP C 550 28.96 12.18 -13.61
CA ASP C 550 28.57 13.00 -12.47
C ASP C 550 29.20 12.52 -11.17
N GLN C 551 30.53 12.38 -11.15
CA GLN C 551 31.21 12.02 -9.91
C GLN C 551 31.06 13.10 -8.85
N ASP C 552 30.96 14.35 -9.27
CA ASP C 552 30.88 15.47 -8.33
C ASP C 552 29.47 15.71 -7.81
N ASP C 553 28.47 14.97 -8.29
CA ASP C 553 27.13 14.98 -7.73
C ASP C 553 26.92 13.84 -6.74
N CYS C 554 27.95 13.03 -6.49
CA CYS C 554 27.84 11.83 -5.68
C CYS C 554 28.50 12.05 -4.32
N VAL C 555 27.83 11.59 -3.27
CA VAL C 555 28.35 11.59 -1.92
C VAL C 555 28.56 10.14 -1.53
N SER C 556 29.82 9.71 -1.45
CA SER C 556 30.11 8.31 -1.19
C SER C 556 31.33 8.20 -0.28
N THR C 557 31.60 6.98 0.15
CA THR C 557 32.71 6.64 1.03
C THR C 557 33.90 6.19 0.19
N THR C 558 35.09 6.25 0.80
CA THR C 558 36.30 5.78 0.12
C THR C 558 36.19 4.30 -0.22
N GLU C 559 35.58 3.52 0.68
CA GLU C 559 35.42 2.08 0.44
C GLU C 559 34.58 1.82 -0.81
N ALA C 560 33.48 2.56 -0.98
CA ALA C 560 32.64 2.36 -2.16
C ALA C 560 33.36 2.78 -3.43
N ASN C 561 34.15 3.84 -3.37
CA ASN C 561 34.95 4.25 -4.52
C ASN C 561 35.93 3.15 -4.92
N GLU C 562 36.62 2.58 -3.93
CA GLU C 562 37.59 1.53 -4.22
C GLU C 562 36.92 0.28 -4.78
N LEU C 563 35.73 -0.05 -4.27
CA LEU C 563 35.05 -1.25 -4.75
C LEU C 563 34.44 -1.03 -6.13
N ALA C 564 34.07 0.20 -6.47
CA ALA C 564 33.50 0.46 -7.78
C ALA C 564 34.54 0.43 -8.89
N ALA C 565 35.82 0.58 -8.55
CA ALA C 565 36.88 0.51 -9.55
C ALA C 565 37.29 -0.92 -9.87
N LYS C 566 36.84 -1.90 -9.09
CA LYS C 566 37.20 -3.30 -9.29
C LYS C 566 36.28 -4.01 -10.26
N LEU C 567 35.23 -3.37 -10.75
CA LEU C 567 34.29 -4.03 -11.65
C LEU C 567 34.93 -4.27 -13.01
N THR C 568 34.63 -5.42 -13.60
CA THR C 568 35.15 -5.73 -14.92
C THR C 568 34.45 -4.91 -15.98
N GLU C 569 35.06 -4.86 -17.17
CA GLU C 569 34.53 -4.01 -18.23
C GLU C 569 33.18 -4.52 -18.73
N GLU C 570 32.98 -5.84 -18.75
CA GLU C 570 31.70 -6.38 -19.18
C GLU C 570 30.60 -6.09 -18.16
N GLN C 571 30.92 -6.14 -16.87
CA GLN C 571 29.95 -5.76 -15.86
C GLN C 571 29.55 -4.29 -16.00
N LYS C 572 30.54 -3.42 -16.22
CA LYS C 572 30.24 -1.99 -16.35
C LYS C 572 29.52 -1.67 -17.65
N SER C 573 29.69 -2.51 -18.68
CA SER C 573 28.97 -2.30 -19.93
C SER C 573 27.49 -2.60 -19.82
N THR C 574 27.08 -3.39 -18.84
CA THR C 574 25.69 -3.82 -18.71
C THR C 574 24.89 -2.97 -17.73
N LEU C 575 25.49 -1.94 -17.14
CA LEU C 575 24.78 -1.14 -16.14
C LEU C 575 23.75 -0.24 -16.81
N PRO C 576 22.60 -0.04 -16.19
CA PRO C 576 21.59 0.86 -16.77
C PRO C 576 22.03 2.31 -16.72
N LEU C 577 21.59 3.06 -17.73
CA LEU C 577 21.85 4.48 -17.80
C LEU C 577 20.55 5.27 -17.75
N PRO C 578 20.58 6.52 -17.28
CA PRO C 578 19.35 7.31 -17.21
C PRO C 578 18.73 7.50 -18.59
N GLY C 579 17.41 7.49 -18.63
CA GLY C 579 16.67 7.43 -19.87
C GLY C 579 16.33 6.04 -20.33
N GLN C 580 16.82 5.01 -19.65
CA GLN C 580 16.51 3.63 -19.98
C GLN C 580 15.59 2.95 -18.98
N VAL C 581 15.39 3.53 -17.81
CA VAL C 581 14.59 2.94 -16.75
C VAL C 581 13.28 3.71 -16.65
N ASP C 582 12.16 3.00 -16.80
CA ASP C 582 10.84 3.59 -16.67
C ASP C 582 10.17 3.27 -15.35
N PHE C 583 10.48 2.14 -14.74
CA PHE C 583 9.86 1.73 -13.48
C PHE C 583 10.97 1.37 -12.50
N ILE C 584 10.86 1.86 -11.26
CA ILE C 584 11.77 1.46 -10.19
C ILE C 584 10.92 0.93 -9.04
N ASN C 585 11.22 -0.29 -8.60
CA ASN C 585 10.48 -0.89 -7.50
C ASN C 585 11.43 -1.45 -6.47
N GLY C 586 10.99 -1.52 -5.22
CA GLY C 586 11.89 -2.16 -4.23
C GLY C 586 11.32 -2.19 -2.82
N GLY C 587 11.72 -3.19 -2.05
CA GLY C 587 11.31 -3.27 -0.63
C GLY C 587 12.52 -3.10 0.25
N PRO C 588 12.91 -1.86 0.62
CA PRO C 588 14.05 -1.63 1.53
C PRO C 588 13.90 -2.42 2.82
N PRO C 589 14.99 -2.67 3.59
CA PRO C 589 14.93 -3.50 4.80
C PRO C 589 13.72 -3.25 5.71
N CYS C 590 13.28 -4.27 6.44
CA CYS C 590 12.14 -4.13 7.34
C CYS C 590 12.54 -4.41 8.77
N GLN C 591 13.82 -4.13 9.08
CA GLN C 591 14.41 -4.57 10.37
C GLN C 591 14.76 -3.43 11.31
N GLY C 592 15.03 -2.29 10.74
CA GLY C 592 15.30 -1.09 11.51
C GLY C 592 14.11 -0.56 12.29
N PHE C 593 12.92 -0.68 11.70
CA PHE C 593 11.70 -0.11 12.34
C PHE C 593 10.81 -1.20 12.93
N SER C 594 11.04 -2.48 12.59
CA SER C 594 10.15 -3.51 13.09
C SER C 594 10.05 -3.43 14.60
N GLY C 595 8.86 -3.60 15.16
CA GLY C 595 8.71 -3.46 16.60
C GLY C 595 9.34 -4.59 17.37
N MET C 596 9.59 -5.72 16.69
CA MET C 596 10.21 -6.90 17.35
C MET C 596 11.68 -6.62 17.66
N ASN C 597 12.23 -5.52 17.13
CA ASN C 597 13.64 -5.20 17.33
C ASN C 597 13.80 -4.56 18.70
N ARG C 598 14.47 -5.27 19.62
CA ARG C 598 14.77 -4.72 20.93
C ARG C 598 15.91 -3.71 20.87
N PHE C 599 16.79 -3.85 19.88
CA PHE C 599 17.99 -3.02 19.75
C PHE C 599 17.88 -2.26 18.44
N ASN C 600 17.20 -1.12 18.46
CA ASN C 600 17.03 -0.34 17.24
C ASN C 600 17.93 0.89 17.18
N GLN C 601 18.58 1.28 18.29
CA GLN C 601 19.58 2.38 18.28
C GLN C 601 21.01 1.84 18.23
N SER C 602 21.20 0.63 17.70
CA SER C 602 22.53 0.06 17.54
C SER C 602 23.07 0.38 16.16
N SER C 603 24.33 -0.01 15.92
CA SER C 603 25.00 0.38 14.69
C SER C 603 24.48 -0.39 13.49
N TRP C 604 24.05 -1.64 13.68
CA TRP C 604 23.55 -2.43 12.57
C TRP C 604 22.15 -2.02 12.15
N SER C 605 21.30 -1.65 13.11
CA SER C 605 19.94 -1.21 12.77
C SER C 605 19.95 0.12 12.04
N LYS C 606 20.89 1.00 12.37
CA LYS C 606 20.90 2.34 11.78
C LYS C 606 21.27 2.30 10.30
N VAL C 607 22.21 1.45 9.91
CA VAL C 607 22.58 1.34 8.49
C VAL C 607 21.42 0.75 7.68
N GLN C 608 20.75 -0.26 8.24
CA GLN C 608 19.59 -0.84 7.59
C GLN C 608 18.48 0.18 7.43
N CYS C 609 18.33 1.09 8.40
CA CYS C 609 17.40 2.20 8.24
C CYS C 609 17.90 3.21 7.20
N GLU C 610 19.22 3.34 7.07
CA GLU C 610 19.85 4.30 6.18
C GLU C 610 19.77 3.91 4.71
N MET C 611 19.48 2.64 4.42
CA MET C 611 19.34 2.24 3.01
C MET C 611 18.21 2.98 2.27
N ILE C 612 17.27 3.59 3.00
CA ILE C 612 16.22 4.39 2.38
C ILE C 612 16.83 5.50 1.53
N LEU C 613 17.90 6.13 2.03
CA LEU C 613 18.50 7.26 1.33
C LEU C 613 19.11 6.84 0.00
N ALA C 614 19.77 5.68 -0.03
CA ALA C 614 20.30 5.17 -1.29
C ALA C 614 19.17 4.84 -2.27
N PHE C 615 18.08 4.26 -1.75
CA PHE C 615 16.93 3.98 -2.59
C PHE C 615 16.36 5.25 -3.20
N LEU C 616 16.33 6.34 -2.42
CA LEU C 616 15.83 7.61 -2.94
C LEU C 616 16.82 8.26 -3.91
N SER C 617 18.11 8.03 -3.72
CA SER C 617 19.10 8.56 -4.66
C SER C 617 19.00 7.89 -6.01
N PHE C 618 18.62 6.61 -6.05
CA PHE C 618 18.37 5.96 -7.32
C PHE C 618 17.24 6.65 -8.10
N ALA C 619 16.16 7.02 -7.41
CA ALA C 619 15.06 7.70 -8.05
C ALA C 619 15.44 9.12 -8.46
N ASP C 620 16.27 9.79 -7.65
CA ASP C 620 16.74 11.12 -8.01
C ASP C 620 17.60 11.07 -9.27
N TYR C 621 18.47 10.08 -9.39
CA TYR C 621 19.36 10.04 -10.55
C TYR C 621 18.65 9.58 -11.81
N PHE C 622 17.77 8.59 -11.72
CA PHE C 622 17.20 8.03 -12.94
C PHE C 622 15.91 8.73 -13.37
N ARG C 623 15.21 9.39 -12.46
CA ARG C 623 13.94 10.07 -12.71
C ARG C 623 12.97 9.19 -13.54
N PRO C 624 12.54 8.06 -13.01
CA PRO C 624 11.67 7.17 -13.77
C PRO C 624 10.23 7.69 -13.82
N ARG C 625 9.45 7.07 -14.69
CA ARG C 625 8.02 7.38 -14.78
C ARG C 625 7.29 6.96 -13.51
N TYR C 626 7.60 5.78 -12.98
CA TYR C 626 6.90 5.24 -11.82
C TYR C 626 7.88 4.69 -10.79
N PHE C 627 7.49 4.81 -9.53
CA PHE C 627 8.34 4.47 -8.40
C PHE C 627 7.49 3.82 -7.32
N LEU C 628 7.88 2.63 -6.87
CA LEU C 628 7.12 1.87 -5.88
C LEU C 628 8.00 1.47 -4.71
N LEU C 629 7.57 1.85 -3.50
CA LEU C 629 8.30 1.58 -2.27
C LEU C 629 7.46 0.72 -1.34
N GLU C 630 8.08 -0.31 -0.76
CA GLU C 630 7.45 -1.27 0.13
C GLU C 630 8.17 -1.32 1.46
N ASN C 631 7.42 -1.40 2.56
CA ASN C 631 8.04 -1.53 3.89
C ASN C 631 7.00 -2.04 4.88
N VAL C 632 7.39 -2.06 6.17
CA VAL C 632 6.51 -2.49 7.26
C VAL C 632 5.54 -1.38 7.65
N ARG C 633 4.52 -1.73 8.43
CA ARG C 633 3.55 -0.74 8.88
C ARG C 633 4.17 0.29 9.81
N THR C 634 5.11 -0.15 10.65
CA THR C 634 5.73 0.75 11.62
C THR C 634 6.72 1.71 10.97
N PHE C 635 6.92 1.63 9.65
CA PHE C 635 7.73 2.61 8.95
C PHE C 635 7.09 4.01 9.00
N VAL C 636 5.76 4.07 9.08
CA VAL C 636 5.05 5.34 9.07
C VAL C 636 4.95 5.97 10.45
N SER C 637 5.43 5.31 11.50
CA SER C 637 5.40 5.86 12.84
C SER C 637 6.68 5.58 13.62
N PHE C 638 7.81 5.43 12.91
CA PHE C 638 9.04 4.92 13.52
C PHE C 638 9.54 5.77 14.68
N ASN C 639 9.98 7.00 14.42
CA ASN C 639 10.34 7.93 15.49
C ASN C 639 9.48 9.18 15.34
N LYS C 640 8.26 9.10 15.87
CA LYS C 640 7.26 10.16 15.75
C LYS C 640 7.04 10.56 14.28
N GLY C 641 7.27 9.61 13.36
CA GLY C 641 6.95 9.79 11.97
C GLY C 641 7.96 10.55 11.14
N GLN C 642 9.17 10.81 11.65
CA GLN C 642 10.10 11.68 10.95
C GLN C 642 10.61 11.05 9.66
N THR C 643 10.87 9.74 9.67
CA THR C 643 11.40 9.09 8.47
C THR C 643 10.39 9.12 7.32
N PHE C 644 9.12 8.86 7.63
CA PHE C 644 8.05 8.92 6.63
C PHE C 644 7.91 10.33 6.06
N GLN C 645 7.96 11.34 6.93
CA GLN C 645 7.86 12.73 6.50
C GLN C 645 9.05 13.12 5.61
N LEU C 646 10.26 12.68 5.97
CA LEU C 646 11.43 13.02 5.18
C LEU C 646 11.41 12.32 3.83
N THR C 647 10.92 11.08 3.78
CA THR C 647 10.79 10.39 2.51
C THR C 647 9.80 11.12 1.59
N LEU C 648 8.66 11.52 2.14
CA LEU C 648 7.68 12.27 1.34
C LEU C 648 8.27 13.58 0.85
N ALA C 649 8.98 14.30 1.72
CA ALA C 649 9.56 15.58 1.32
C ALA C 649 10.61 15.41 0.24
N SER C 650 11.42 14.35 0.34
CA SER C 650 12.40 14.07 -0.70
C SER C 650 11.73 13.78 -2.03
N LEU C 651 10.66 12.99 -2.01
CA LEU C 651 9.96 12.69 -3.26
C LEU C 651 9.28 13.93 -3.85
N LEU C 652 8.81 14.84 -3.00
CA LEU C 652 8.17 16.05 -3.51
C LEU C 652 9.19 17.07 -4.01
N GLU C 653 10.42 17.04 -3.48
CA GLU C 653 11.44 17.98 -3.93
C GLU C 653 11.86 17.71 -5.37
N MET C 654 11.72 16.46 -5.84
CA MET C 654 12.06 16.14 -7.22
C MET C 654 10.94 16.49 -8.19
N GLY C 655 9.69 16.55 -7.73
CA GLY C 655 8.60 16.92 -8.60
C GLY C 655 7.62 15.78 -8.87
N TYR C 656 7.48 14.88 -7.91
CA TYR C 656 6.64 13.70 -8.07
C TYR C 656 5.25 13.93 -7.50
N GLN C 657 4.30 13.13 -7.97
CA GLN C 657 3.04 12.90 -7.29
C GLN C 657 3.23 11.70 -6.37
N VAL C 658 2.78 11.83 -5.12
CA VAL C 658 3.06 10.83 -4.10
C VAL C 658 1.76 10.45 -3.42
N ARG C 659 1.57 9.14 -3.18
CA ARG C 659 0.48 8.68 -2.34
C ARG C 659 0.94 7.49 -1.50
N PHE C 660 0.29 7.29 -0.36
CA PHE C 660 0.72 6.34 0.63
C PHE C 660 -0.46 5.51 1.13
N GLY C 661 -0.18 4.32 1.62
CA GLY C 661 -1.25 3.48 2.14
C GLY C 661 -0.73 2.27 2.88
N ILE C 662 -1.63 1.62 3.62
CA ILE C 662 -1.33 0.40 4.36
C ILE C 662 -2.34 -0.67 3.94
N LEU C 663 -1.83 -1.87 3.66
CA LEU C 663 -2.65 -2.96 3.13
C LEU C 663 -2.44 -4.23 3.95
N GLU C 664 -3.51 -5.02 4.04
CA GLU C 664 -3.50 -6.30 4.74
C GLU C 664 -3.50 -7.43 3.71
N ALA C 665 -2.53 -8.33 3.81
CA ALA C 665 -2.35 -9.36 2.79
C ALA C 665 -3.47 -10.40 2.81
N GLY C 666 -3.97 -10.75 4.00
CA GLY C 666 -4.96 -11.81 4.12
C GLY C 666 -6.26 -11.55 3.39
N ALA C 667 -6.56 -10.29 3.10
CA ALA C 667 -7.77 -9.94 2.37
C ALA C 667 -7.62 -10.12 0.87
N TYR C 668 -6.46 -10.52 0.38
CA TYR C 668 -6.24 -10.68 -1.05
C TYR C 668 -5.97 -12.12 -1.45
N GLY C 669 -6.17 -13.09 -0.55
CA GLY C 669 -6.17 -14.48 -0.95
C GLY C 669 -5.15 -15.37 -0.28
N VAL C 670 -4.44 -14.88 0.72
CA VAL C 670 -3.49 -15.70 1.46
C VAL C 670 -4.02 -15.93 2.87
N SER C 671 -3.57 -17.02 3.47
CA SER C 671 -3.98 -17.38 4.83
C SER C 671 -2.94 -16.89 5.85
N GLN C 672 -2.72 -15.59 5.84
CA GLN C 672 -1.67 -14.98 6.65
C GLN C 672 -2.12 -13.60 7.10
N SER C 673 -1.52 -13.14 8.19
CA SER C 673 -1.79 -11.82 8.76
C SER C 673 -0.53 -10.97 8.56
N ARG C 674 -0.51 -10.17 7.50
CA ARG C 674 0.67 -9.40 7.12
C ARG C 674 0.23 -7.99 6.75
N LYS C 675 0.74 -7.00 7.46
CA LYS C 675 0.35 -5.60 7.30
C LYS C 675 1.54 -4.83 6.75
N ARG C 676 1.35 -4.28 5.54
CA ARG C 676 2.49 -3.62 4.86
C ARG C 676 2.16 -2.20 4.44
N ALA C 677 3.18 -1.36 4.30
CA ALA C 677 3.05 0.04 3.90
C ALA C 677 3.63 0.23 2.52
N PHE C 678 2.87 0.91 1.65
CA PHE C 678 3.22 1.13 0.26
C PHE C 678 3.22 2.61 -0.06
N ILE C 679 4.17 3.03 -0.90
CA ILE C 679 4.24 4.39 -1.42
C ILE C 679 4.32 4.33 -2.94
N TRP C 680 3.45 5.08 -3.61
CA TRP C 680 3.43 5.24 -5.05
C TRP C 680 3.91 6.64 -5.41
N ALA C 681 4.78 6.72 -6.42
CA ALA C 681 5.23 8.00 -6.94
C ALA C 681 5.19 7.97 -8.46
N ALA C 682 4.71 9.06 -9.04
CA ALA C 682 4.51 9.15 -10.49
C ALA C 682 4.92 10.53 -10.98
N ALA C 683 5.22 10.60 -12.29
CA ALA C 683 5.62 11.84 -12.91
C ALA C 683 4.44 12.81 -12.97
N PRO C 684 4.70 14.11 -13.14
CA PRO C 684 3.59 15.09 -13.13
C PRO C 684 2.56 14.88 -14.22
N GLU C 685 2.92 14.42 -15.40
CA GLU C 685 1.89 14.14 -16.42
C GLU C 685 1.44 12.68 -16.51
N GLU C 686 1.70 11.79 -15.55
CA GLU C 686 1.16 10.44 -15.49
C GLU C 686 -0.06 10.39 -14.58
N VAL C 687 -0.74 9.25 -14.60
CA VAL C 687 -1.88 9.00 -13.74
C VAL C 687 -1.42 8.13 -12.58
N LEU C 688 -1.75 8.55 -11.37
CA LEU C 688 -1.28 7.87 -10.18
C LEU C 688 -2.23 6.73 -9.84
N PRO C 689 -1.73 5.52 -9.58
CA PRO C 689 -2.62 4.35 -9.48
C PRO C 689 -3.53 4.41 -8.27
N GLU C 690 -4.60 3.61 -8.33
CA GLU C 690 -5.56 3.49 -7.26
C GLU C 690 -5.23 2.27 -6.40
N TRP C 691 -6.05 2.04 -5.38
CA TRP C 691 -5.69 0.89 -4.56
C TRP C 691 -6.56 -0.30 -4.90
N PRO C 692 -6.02 -1.51 -4.85
CA PRO C 692 -6.83 -2.69 -5.16
C PRO C 692 -7.90 -2.95 -4.11
N GLU C 693 -9.02 -3.49 -4.57
CA GLU C 693 -10.15 -3.75 -3.71
C GLU C 693 -9.98 -5.09 -3.00
N PRO C 694 -10.10 -5.14 -1.67
CA PRO C 694 -10.01 -6.43 -0.96
C PRO C 694 -11.32 -7.20 -1.08
N MET C 695 -11.21 -8.49 -1.41
CA MET C 695 -12.39 -9.31 -1.65
C MET C 695 -12.45 -10.57 -0.81
N HIS C 696 -11.64 -10.69 0.23
CA HIS C 696 -11.71 -11.81 1.15
C HIS C 696 -11.96 -11.31 2.57
N VAL C 697 -12.70 -12.10 3.34
CA VAL C 697 -13.03 -11.76 4.72
C VAL C 697 -11.81 -11.99 5.59
N PHE C 698 -11.42 -10.98 6.35
CA PHE C 698 -10.32 -11.12 7.29
C PHE C 698 -10.59 -10.17 8.44
N GLY C 699 -10.37 -10.64 9.66
CA GLY C 699 -10.75 -9.89 10.84
C GLY C 699 -9.77 -8.84 11.31
N VAL C 700 -9.56 -7.80 10.50
CA VAL C 700 -8.61 -6.74 10.80
C VAL C 700 -9.34 -5.41 10.68
N PRO C 701 -9.23 -4.46 11.65
CA PRO C 701 -9.99 -3.20 11.59
C PRO C 701 -9.42 -2.19 10.59
N LYS C 702 -9.83 -0.94 10.70
CA LYS C 702 -9.38 0.10 9.72
C LYS C 702 -7.89 0.38 9.88
N LEU C 703 -7.07 -0.09 8.94
CA LEU C 703 -5.61 0.25 8.98
C LEU C 703 -5.50 1.74 8.64
N LYS C 704 -5.12 2.57 9.61
CA LYS C 704 -5.13 4.00 9.37
C LYS C 704 -3.72 4.60 9.44
N ILE C 705 -3.55 5.71 8.73
CA ILE C 705 -2.33 6.51 8.73
C ILE C 705 -2.68 7.88 9.29
N SER C 706 -1.85 8.37 10.20
CA SER C 706 -2.14 9.64 10.87
C SER C 706 -1.72 10.81 9.99
N LEU C 707 -2.67 11.70 9.73
CA LEU C 707 -2.42 12.98 9.08
C LEU C 707 -2.58 14.05 10.14
N SER C 708 -1.65 15.01 10.14
CA SER C 708 -1.59 15.98 11.22
C SER C 708 -2.90 16.76 11.33
N GLN C 709 -3.02 17.50 12.44
CA GLN C 709 -4.20 18.27 12.79
C GLN C 709 -5.41 17.38 13.10
N GLY C 710 -5.15 16.17 13.60
CA GLY C 710 -6.22 15.30 14.05
C GLY C 710 -6.93 14.51 12.97
N LEU C 711 -6.31 14.27 11.82
CA LEU C 711 -6.94 13.57 10.73
C LEU C 711 -6.32 12.20 10.53
N HIS C 712 -7.04 11.34 9.82
CA HIS C 712 -6.56 10.00 9.50
C HIS C 712 -6.98 9.62 8.08
N TYR C 713 -6.24 8.68 7.50
CA TYR C 713 -6.54 8.16 6.16
C TYR C 713 -6.50 6.64 6.17
N ALA C 714 -7.48 6.02 5.54
CA ALA C 714 -7.51 4.58 5.35
C ALA C 714 -7.59 4.28 3.85
N ALA C 715 -6.70 3.40 3.38
CA ALA C 715 -6.59 3.16 1.95
C ALA C 715 -7.74 2.29 1.44
N VAL C 716 -8.11 1.27 2.20
CA VAL C 716 -9.17 0.34 1.80
C VAL C 716 -10.07 0.08 2.99
N ARG C 717 -11.16 -0.63 2.73
CA ARG C 717 -12.17 -0.89 3.75
C ARG C 717 -11.80 -2.11 4.58
N SER C 718 -12.56 -2.33 5.63
CA SER C 718 -12.42 -3.51 6.48
C SER C 718 -13.41 -4.57 6.02
N THR C 719 -12.91 -5.79 5.83
CA THR C 719 -13.73 -6.88 5.33
C THR C 719 -14.22 -7.81 6.43
N ALA C 720 -14.13 -7.38 7.70
CA ALA C 720 -14.47 -8.23 8.81
C ALA C 720 -15.98 -8.45 8.97
N LEU C 721 -16.81 -7.53 8.48
CA LEU C 721 -18.25 -7.68 8.57
C LEU C 721 -18.87 -8.15 7.24
N GLY C 722 -18.06 -8.46 6.25
CA GLY C 722 -18.57 -8.96 4.99
C GLY C 722 -17.68 -8.67 3.79
N ALA C 723 -17.61 -9.62 2.87
CA ALA C 723 -16.80 -9.48 1.66
C ALA C 723 -17.30 -10.50 0.64
N PRO C 724 -16.92 -10.34 -0.63
CA PRO C 724 -17.43 -11.28 -1.66
C PRO C 724 -17.03 -12.74 -1.44
N PHE C 725 -15.85 -13.01 -0.87
CA PHE C 725 -15.36 -14.38 -0.76
C PHE C 725 -14.93 -14.67 0.67
N ARG C 726 -14.91 -15.96 1.00
CA ARG C 726 -14.64 -16.47 2.33
C ARG C 726 -13.14 -16.47 2.63
N PRO C 727 -12.76 -16.54 3.91
CA PRO C 727 -11.34 -16.59 4.26
C PRO C 727 -10.69 -17.91 3.89
N ILE C 728 -9.37 -17.86 3.73
CA ILE C 728 -8.57 -19.03 3.39
C ILE C 728 -7.99 -19.61 4.68
N THR C 729 -8.15 -20.91 4.88
CA THR C 729 -7.76 -21.59 6.10
C THR C 729 -6.42 -22.31 5.92
N VAL C 730 -5.94 -22.92 7.02
CA VAL C 730 -4.69 -23.65 6.98
C VAL C 730 -4.85 -24.95 6.18
N ARG C 731 -6.01 -25.60 6.30
CA ARG C 731 -6.25 -26.83 5.55
C ARG C 731 -6.45 -26.55 4.07
N ASP C 732 -6.91 -25.36 3.71
CA ASP C 732 -6.96 -24.97 2.31
C ASP C 732 -5.56 -24.87 1.72
N THR C 733 -4.56 -24.61 2.56
CA THR C 733 -3.20 -24.36 2.10
C THR C 733 -2.34 -25.61 2.09
N ILE C 734 -2.33 -26.38 3.18
CA ILE C 734 -1.36 -27.45 3.33
C ILE C 734 -2.02 -28.82 3.52
N GLY C 735 -3.31 -28.94 3.23
CA GLY C 735 -4.02 -30.17 3.52
C GLY C 735 -3.77 -31.33 2.58
N ASP C 736 -3.13 -31.10 1.43
CA ASP C 736 -2.90 -32.19 0.48
C ASP C 736 -1.47 -32.69 0.46
N LEU C 737 -0.56 -32.05 1.18
CA LEU C 737 0.84 -32.46 1.13
C LEU C 737 1.08 -33.72 1.96
N PRO C 738 2.03 -34.54 1.57
CA PRO C 738 2.29 -35.79 2.28
C PRO C 738 3.00 -35.57 3.61
N SER C 739 3.06 -36.64 4.40
CA SER C 739 3.58 -36.58 5.76
C SER C 739 5.09 -36.72 5.77
N VAL C 740 5.74 -35.87 6.58
CA VAL C 740 7.19 -35.91 6.75
C VAL C 740 7.53 -35.89 8.23
N GLU C 741 8.70 -36.43 8.55
CA GLU C 741 9.19 -36.52 9.92
C GLU C 741 10.13 -35.36 10.23
N ASN C 742 10.67 -35.37 11.44
CA ASN C 742 11.55 -34.30 11.90
C ASN C 742 12.87 -34.34 11.14
N GLY C 743 13.23 -33.22 10.52
CA GLY C 743 14.52 -33.11 9.85
C GLY C 743 14.61 -33.75 8.49
N ASP C 744 13.49 -33.85 7.76
CA ASP C 744 13.52 -34.42 6.42
C ASP C 744 14.34 -33.53 5.48
N SER C 745 15.21 -34.15 4.69
CA SER C 745 16.11 -33.41 3.82
C SER C 745 15.88 -33.65 2.34
N ARG C 746 15.05 -34.61 1.96
CA ARG C 746 14.81 -34.90 0.54
C ARG C 746 14.22 -33.67 -0.15
N THR C 747 14.93 -33.16 -1.15
CA THR C 747 14.50 -31.94 -1.81
C THR C 747 13.49 -32.23 -2.92
N ASN C 748 13.68 -33.32 -3.67
CA ASN C 748 12.81 -33.67 -4.79
C ASN C 748 11.95 -34.85 -4.39
N LYS C 749 10.64 -34.61 -4.26
CA LYS C 749 9.70 -35.66 -3.90
C LYS C 749 8.57 -35.74 -4.92
N GLU C 750 7.55 -36.53 -4.61
CA GLU C 750 6.40 -36.70 -5.49
C GLU C 750 5.12 -36.40 -4.74
N TYR C 751 4.15 -35.84 -5.45
CA TYR C 751 2.80 -35.68 -4.91
C TYR C 751 2.11 -37.04 -4.86
N LYS C 752 1.44 -37.31 -3.75
CA LYS C 752 0.74 -38.57 -3.58
C LYS C 752 -0.77 -38.45 -3.66
N GLU C 753 -1.32 -37.29 -3.32
CA GLU C 753 -2.76 -37.08 -3.26
C GLU C 753 -3.13 -35.90 -4.15
N VAL C 754 -4.35 -35.93 -4.67
CA VAL C 754 -4.79 -34.91 -5.61
C VAL C 754 -5.31 -33.69 -4.85
N ALA C 755 -5.35 -32.56 -5.55
CA ALA C 755 -5.79 -31.31 -4.96
C ALA C 755 -7.30 -31.29 -4.80
N VAL C 756 -7.78 -30.87 -3.64
CA VAL C 756 -9.20 -30.88 -3.31
C VAL C 756 -9.76 -29.47 -3.26
N SER C 757 -9.08 -28.56 -2.59
CA SER C 757 -9.57 -27.21 -2.42
C SER C 757 -9.20 -26.32 -3.61
N TRP C 758 -9.88 -25.17 -3.69
CA TRP C 758 -9.61 -24.21 -4.75
C TRP C 758 -8.18 -23.71 -4.70
N PHE C 759 -7.71 -23.38 -3.49
CA PHE C 759 -6.34 -22.89 -3.32
C PHE C 759 -5.31 -23.94 -3.72
N GLN C 760 -5.54 -25.21 -3.34
CA GLN C 760 -4.61 -26.26 -3.71
C GLN C 760 -4.58 -26.46 -5.22
N LYS C 761 -5.76 -26.50 -5.85
CA LYS C 761 -5.84 -26.71 -7.29
C LYS C 761 -5.16 -25.59 -8.05
N GLU C 762 -5.15 -24.39 -7.50
CA GLU C 762 -4.58 -23.30 -8.28
C GLU C 762 -3.14 -22.97 -7.90
N ILE C 763 -2.67 -23.43 -6.74
CA ILE C 763 -1.25 -23.32 -6.43
C ILE C 763 -0.45 -24.43 -7.10
N ARG C 764 -1.00 -25.64 -7.18
CA ARG C 764 -0.23 -26.71 -7.84
C ARG C 764 -0.09 -26.46 -9.33
N GLY C 765 -1.19 -26.12 -10.01
CA GLY C 765 -1.10 -25.87 -11.44
C GLY C 765 -0.94 -27.17 -12.19
N ASN C 766 0.07 -27.23 -13.06
CA ASN C 766 0.40 -28.44 -13.81
C ASN C 766 1.75 -29.02 -13.39
N THR C 767 2.10 -28.85 -12.12
CA THR C 767 3.39 -29.27 -11.60
C THR C 767 3.32 -30.70 -11.09
N ILE C 768 4.33 -31.50 -11.44
CA ILE C 768 4.40 -32.89 -11.03
C ILE C 768 5.57 -33.17 -10.10
N ALA C 769 6.41 -32.18 -9.82
CA ALA C 769 7.56 -32.34 -8.94
C ALA C 769 7.34 -31.52 -7.68
N LEU C 770 7.41 -32.17 -6.53
CA LEU C 770 7.29 -31.51 -5.23
C LEU C 770 8.69 -31.22 -4.71
N THR C 771 9.02 -29.93 -4.60
CA THR C 771 10.35 -29.51 -4.20
C THR C 771 10.29 -28.70 -2.92
N ASP C 772 11.30 -28.90 -2.06
CA ASP C 772 11.53 -28.14 -0.83
C ASP C 772 10.49 -28.45 0.24
N HIS C 773 10.06 -29.71 0.31
CA HIS C 773 9.22 -30.18 1.42
C HIS C 773 10.11 -30.69 2.56
N ILE C 774 10.89 -29.77 3.11
CA ILE C 774 11.93 -30.08 4.08
C ILE C 774 11.75 -29.21 5.32
N CYS C 775 12.02 -29.77 6.49
CA CYS C 775 11.86 -29.06 7.75
C CYS C 775 13.18 -29.04 8.51
N LYS C 776 13.26 -28.15 9.49
CA LYS C 776 14.43 -28.05 10.34
C LYS C 776 14.42 -29.15 11.40
N ALA C 777 15.61 -29.60 11.78
CA ALA C 777 15.76 -30.64 12.77
C ALA C 777 15.79 -30.03 14.17
N MET C 778 14.95 -30.56 15.05
CA MET C 778 14.97 -30.18 16.45
C MET C 778 15.80 -31.19 17.24
N ASN C 779 16.39 -30.72 18.34
CA ASN C 779 17.17 -31.63 19.16
C ASN C 779 16.25 -32.55 19.95
N GLU C 780 16.85 -33.38 20.80
CA GLU C 780 16.07 -34.38 21.52
C GLU C 780 15.07 -33.74 22.48
N LEU C 781 15.50 -32.70 23.20
CA LEU C 781 14.64 -32.10 24.22
C LEU C 781 13.48 -31.33 23.61
N ASN C 782 13.74 -30.57 22.54
CA ASN C 782 12.65 -29.83 21.89
C ASN C 782 11.66 -30.78 21.22
N LEU C 783 12.14 -31.90 20.70
CA LEU C 783 11.24 -32.89 20.11
C LEU C 783 10.43 -33.61 21.18
N ILE C 784 11.00 -33.81 22.37
CA ILE C 784 10.23 -34.35 23.48
C ILE C 784 9.13 -33.36 23.89
N ARG C 785 9.45 -32.07 23.90
CA ARG C 785 8.43 -31.08 24.22
C ARG C 785 7.36 -30.98 23.12
N CYS C 786 7.73 -31.16 21.85
CA CYS C 786 6.76 -31.02 20.78
C CYS C 786 5.75 -32.16 20.76
N LYS C 787 6.19 -33.37 21.09
CA LYS C 787 5.29 -34.52 21.11
C LYS C 787 4.32 -34.49 22.28
N LEU C 788 4.53 -33.59 23.24
CA LEU C 788 3.75 -33.57 24.47
C LEU C 788 2.80 -32.37 24.50
N ILE C 789 2.65 -31.68 23.37
CA ILE C 789 1.69 -30.59 23.23
C ILE C 789 0.47 -31.12 22.48
N PRO C 790 -0.72 -30.95 23.01
CA PRO C 790 -1.91 -31.58 22.41
C PRO C 790 -2.25 -31.00 21.05
N THR C 791 -2.95 -31.81 20.25
CA THR C 791 -3.45 -31.40 18.94
C THR C 791 -4.83 -30.75 19.10
N ARG C 792 -4.85 -29.61 19.78
CA ARG C 792 -6.04 -28.83 20.02
C ARG C 792 -5.81 -27.41 19.57
N PRO C 793 -6.87 -26.70 19.17
CA PRO C 793 -6.73 -25.26 18.92
C PRO C 793 -6.34 -24.51 20.19
N GLY C 794 -5.30 -23.69 20.06
CA GLY C 794 -4.85 -22.90 21.20
C GLY C 794 -3.90 -23.58 22.14
N ALA C 795 -3.23 -24.64 21.71
CA ALA C 795 -2.30 -25.37 22.57
C ALA C 795 -0.91 -24.76 22.45
N ASP C 796 -0.27 -24.52 23.60
CA ASP C 796 1.03 -23.89 23.65
C ASP C 796 1.78 -24.43 24.87
N TRP C 797 2.83 -23.71 25.30
CA TRP C 797 3.71 -24.19 26.36
C TRP C 797 3.03 -24.31 27.71
N HIS C 798 1.85 -23.71 27.89
CA HIS C 798 1.12 -23.86 29.14
C HIS C 798 0.63 -25.28 29.37
N ASP C 799 0.69 -26.13 28.35
CA ASP C 799 0.26 -27.52 28.45
C ASP C 799 1.40 -28.48 28.79
N LEU C 800 2.61 -27.97 29.02
CA LEU C 800 3.76 -28.80 29.37
C LEU C 800 3.79 -29.06 30.87
N PRO C 801 3.98 -30.32 31.27
CA PRO C 801 4.05 -30.63 32.71
C PRO C 801 5.36 -30.20 33.35
N LYS C 802 5.31 -29.99 34.65
CA LYS C 802 6.51 -29.70 35.43
C LYS C 802 7.21 -31.02 35.76
N ARG C 803 8.35 -31.26 35.11
CA ARG C 803 8.98 -32.57 35.16
C ARG C 803 10.46 -32.41 34.79
N LYS C 804 11.24 -33.43 35.13
CA LYS C 804 12.65 -33.48 34.79
C LYS C 804 12.90 -34.58 33.78
N VAL C 805 13.66 -34.26 32.74
CA VAL C 805 13.90 -35.14 31.61
C VAL C 805 15.35 -35.62 31.68
N THR C 806 15.54 -36.92 31.55
CA THR C 806 16.87 -37.51 31.42
C THR C 806 17.11 -37.79 29.95
N LEU C 807 18.16 -37.19 29.39
CA LEU C 807 18.47 -37.34 27.98
C LEU C 807 19.39 -38.55 27.78
N SER C 808 19.74 -38.81 26.52
CA SER C 808 20.55 -39.98 26.22
C SER C 808 21.94 -39.89 26.84
N ASP C 809 22.56 -38.71 26.80
CA ASP C 809 23.91 -38.54 27.30
C ASP C 809 23.97 -38.33 28.81
N GLY C 810 22.93 -38.71 29.54
CA GLY C 810 22.94 -38.54 30.98
C GLY C 810 22.92 -37.11 31.46
N ARG C 811 22.20 -36.24 30.76
CA ARG C 811 21.95 -34.89 31.23
C ARG C 811 20.51 -34.81 31.74
N VAL C 812 20.32 -34.06 32.82
CA VAL C 812 19.01 -33.88 33.42
C VAL C 812 18.60 -32.43 33.18
N GLU C 813 17.57 -32.26 32.36
CA GLU C 813 17.03 -30.95 32.01
C GLU C 813 15.63 -30.83 32.59
N GLU C 814 15.06 -29.63 32.47
CA GLU C 814 13.71 -29.36 32.93
C GLU C 814 12.80 -29.12 31.74
N MET C 815 11.60 -29.69 31.80
CA MET C 815 10.72 -29.72 30.64
C MET C 815 10.25 -28.31 30.27
N ILE C 816 9.94 -27.49 31.26
CA ILE C 816 9.52 -26.11 31.02
C ILE C 816 10.76 -25.25 30.88
N PRO C 817 10.93 -24.53 29.78
CA PRO C 817 12.09 -23.63 29.65
C PRO C 817 12.06 -22.56 30.74
N PHE C 818 13.25 -22.24 31.26
CA PHE C 818 13.33 -21.30 32.38
C PHE C 818 12.89 -19.90 31.97
N CYS C 819 13.11 -19.51 30.71
CA CYS C 819 12.83 -18.15 30.29
C CYS C 819 11.35 -17.85 30.17
N LEU C 820 10.50 -18.87 30.01
CA LEU C 820 9.09 -18.65 29.74
C LEU C 820 8.31 -18.23 30.99
N PRO C 821 8.47 -18.90 32.14
CA PRO C 821 7.80 -18.40 33.35
C PRO C 821 8.47 -17.20 33.97
N ASN C 822 9.70 -16.90 33.57
CA ASN C 822 10.47 -15.84 34.20
C ASN C 822 9.99 -14.46 33.75
N THR C 823 9.93 -14.23 32.44
CA THR C 823 9.65 -12.91 31.90
C THR C 823 8.18 -12.77 31.52
N ALA C 824 7.36 -13.77 31.83
CA ALA C 824 5.92 -13.66 31.67
C ALA C 824 5.38 -12.55 32.56
N GLU C 825 4.11 -12.20 32.32
CA GLU C 825 3.29 -11.14 32.90
C GLU C 825 3.78 -9.77 32.46
N ARG C 826 4.93 -9.72 31.78
CA ARG C 826 5.33 -8.54 31.04
C ARG C 826 4.98 -8.66 29.56
N HIS C 827 4.75 -9.88 29.08
CA HIS C 827 4.62 -10.16 27.66
C HIS C 827 3.35 -10.92 27.31
N ASN C 828 2.28 -10.73 28.09
CA ASN C 828 1.00 -11.40 27.89
C ASN C 828 1.11 -12.92 28.04
N GLY C 829 2.16 -13.39 28.71
CA GLY C 829 2.29 -14.80 28.97
C GLY C 829 2.86 -15.64 27.84
N TRP C 830 3.33 -15.04 26.75
CA TRP C 830 3.99 -15.81 25.66
C TRP C 830 3.04 -16.83 25.02
N LYS C 831 1.79 -16.45 24.74
CA LYS C 831 0.84 -17.32 24.07
C LYS C 831 1.36 -17.67 22.68
N GLY C 832 1.19 -18.92 22.30
CA GLY C 832 1.61 -19.38 20.99
C GLY C 832 3.05 -19.82 20.89
N LEU C 833 3.82 -19.78 21.96
CA LEU C 833 5.17 -20.32 21.95
C LEU C 833 5.10 -21.80 22.25
N TYR C 834 5.79 -22.61 21.43
CA TYR C 834 5.57 -24.05 21.38
C TYR C 834 4.12 -24.35 21.01
N GLY C 835 3.58 -23.58 20.07
CA GLY C 835 2.18 -23.62 19.75
C GLY C 835 1.90 -24.31 18.43
N ARG C 836 0.76 -24.98 18.37
CA ARG C 836 0.32 -25.70 17.18
C ARG C 836 -0.68 -24.86 16.40
N LEU C 837 -0.69 -25.05 15.09
CA LEU C 837 -1.65 -24.34 14.26
C LEU C 837 -3.02 -25.00 14.32
N ASP C 838 -4.03 -24.24 13.96
CA ASP C 838 -5.41 -24.69 13.90
C ASP C 838 -5.78 -24.93 12.44
N TRP C 839 -6.46 -26.05 12.18
CA TRP C 839 -6.83 -26.38 10.80
C TRP C 839 -7.75 -25.32 10.20
N GLN C 840 -8.62 -24.73 11.01
CA GLN C 840 -9.59 -23.76 10.55
C GLN C 840 -9.13 -22.32 10.73
N GLY C 841 -7.92 -22.10 11.23
CA GLY C 841 -7.36 -20.78 11.40
C GLY C 841 -6.50 -20.37 10.22
N ASN C 842 -5.61 -19.42 10.47
CA ASN C 842 -4.67 -18.96 9.46
C ASN C 842 -3.25 -19.08 10.01
N PHE C 843 -2.30 -18.64 9.21
CA PHE C 843 -0.91 -18.64 9.62
C PHE C 843 -0.55 -17.35 10.33
N PRO C 844 0.44 -17.37 11.20
CA PRO C 844 1.01 -16.12 11.73
C PRO C 844 1.88 -15.47 10.67
N THR C 845 2.38 -14.28 10.99
CA THR C 845 3.24 -13.57 10.07
C THR C 845 4.50 -14.37 9.77
N SER C 846 4.86 -14.44 8.49
CA SER C 846 6.00 -15.25 8.06
C SER C 846 7.29 -14.52 8.38
N VAL C 847 8.10 -15.11 9.24
CA VAL C 847 9.37 -14.54 9.64
C VAL C 847 10.50 -15.32 8.99
N THR C 848 11.72 -14.79 9.09
CA THR C 848 12.86 -15.42 8.43
C THR C 848 13.28 -16.69 9.15
N ASP C 849 13.19 -16.72 10.48
CA ASP C 849 13.56 -17.89 11.26
C ASP C 849 12.36 -18.39 12.06
N PRO C 850 11.67 -19.43 11.59
CA PRO C 850 10.60 -20.04 12.38
C PRO C 850 11.17 -20.99 13.43
N GLN C 851 11.05 -20.62 14.69
CA GLN C 851 11.51 -21.44 15.80
C GLN C 851 10.47 -21.46 16.91
N PRO C 852 10.40 -22.55 17.68
CA PRO C 852 9.30 -22.70 18.65
C PRO C 852 9.34 -21.72 19.81
N MET C 853 10.47 -21.10 20.10
CA MET C 853 10.61 -20.23 21.25
C MET C 853 10.93 -18.79 20.82
N GLY C 854 10.36 -18.37 19.69
CA GLY C 854 10.55 -17.03 19.18
C GLY C 854 9.41 -16.10 19.54
N LYS C 855 9.55 -14.84 19.12
CA LYS C 855 8.54 -13.83 19.42
C LYS C 855 7.17 -14.22 18.85
N VAL C 856 7.16 -14.69 17.60
CA VAL C 856 5.90 -15.04 16.96
C VAL C 856 5.43 -16.42 17.40
N GLY C 857 6.31 -17.41 17.30
CA GLY C 857 5.95 -18.75 17.70
C GLY C 857 4.98 -19.40 16.73
N MET C 858 4.39 -20.51 17.17
CA MET C 858 3.42 -21.27 16.40
C MET C 858 3.99 -21.68 15.04
N CYS C 859 5.00 -22.53 15.09
CA CYS C 859 5.58 -23.14 13.91
C CYS C 859 5.33 -24.64 13.83
N PHE C 860 4.58 -25.21 14.77
CA PHE C 860 4.31 -26.64 14.77
C PHE C 860 3.14 -26.97 13.85
N HIS C 861 3.23 -28.13 13.20
CA HIS C 861 2.17 -28.63 12.35
C HIS C 861 0.95 -29.00 13.22
N PRO C 862 -0.26 -28.85 12.68
CA PRO C 862 -1.46 -29.16 13.48
C PRO C 862 -1.53 -30.59 13.97
N GLU C 863 -0.93 -31.55 13.27
CA GLU C 863 -1.06 -32.95 13.67
C GLU C 863 0.28 -33.69 13.74
N GLN C 864 1.27 -33.22 12.99
CA GLN C 864 2.56 -33.91 12.91
C GLN C 864 3.57 -33.26 13.86
N HIS C 865 4.44 -34.08 14.45
CA HIS C 865 5.40 -33.63 15.46
C HIS C 865 6.64 -33.07 14.78
N ARG C 866 6.49 -31.89 14.20
CA ARG C 866 7.57 -31.26 13.45
C ARG C 866 7.29 -29.77 13.32
N ILE C 867 8.25 -29.07 12.73
CA ILE C 867 8.08 -27.67 12.36
C ILE C 867 7.59 -27.62 10.91
N LEU C 868 6.97 -26.50 10.54
CA LEU C 868 6.48 -26.36 9.17
C LEU C 868 7.62 -26.39 8.18
N THR C 869 7.37 -26.98 7.01
CA THR C 869 8.39 -27.11 6.00
C THR C 869 8.51 -25.84 5.16
N VAL C 870 9.56 -25.79 4.34
CA VAL C 870 9.79 -24.65 3.47
C VAL C 870 8.64 -24.47 2.49
N ARG C 871 8.16 -25.57 1.91
CA ARG C 871 7.07 -25.50 0.93
C ARG C 871 5.78 -25.01 1.59
N GLU C 872 5.51 -25.44 2.82
CA GLU C 872 4.32 -24.95 3.52
C GLU C 872 4.41 -23.45 3.81
N CYS C 873 5.58 -22.98 4.22
CA CYS C 873 5.76 -21.55 4.46
C CYS C 873 5.71 -20.74 3.17
N ALA C 874 6.10 -21.33 2.05
CA ALA C 874 5.95 -20.66 0.76
C ALA C 874 4.51 -20.67 0.27
N ARG C 875 3.75 -21.69 0.63
CA ARG C 875 2.33 -21.73 0.27
C ARG C 875 1.53 -20.75 1.10
N SER C 876 1.93 -20.51 2.35
CA SER C 876 1.25 -19.48 3.15
C SER C 876 1.52 -18.08 2.62
N GLN C 877 2.65 -17.80 1.99
CA GLN C 877 2.87 -16.43 1.40
C GLN C 877 2.39 -16.34 -0.05
N GLY C 878 1.86 -17.41 -0.66
CA GLY C 878 1.25 -17.30 -1.96
C GLY C 878 2.14 -17.65 -3.14
N PHE C 879 3.29 -18.27 -2.90
CA PHE C 879 4.18 -18.64 -3.99
C PHE C 879 3.63 -19.84 -4.75
N PRO C 880 3.78 -19.88 -6.06
CA PRO C 880 3.41 -21.08 -6.81
C PRO C 880 4.35 -22.25 -6.47
N ASP C 881 3.84 -23.46 -6.68
CA ASP C 881 4.62 -24.64 -6.39
C ASP C 881 5.81 -24.82 -7.34
N SER C 882 5.86 -24.06 -8.42
CA SER C 882 6.96 -24.12 -9.36
C SER C 882 8.06 -23.10 -9.06
N TYR C 883 7.95 -22.36 -7.96
CA TYR C 883 8.95 -21.36 -7.62
C TYR C 883 10.14 -22.01 -6.92
N GLU C 884 11.34 -21.65 -7.35
CA GLU C 884 12.56 -22.30 -6.91
C GLU C 884 13.32 -21.43 -5.90
N PHE C 885 13.79 -22.06 -4.83
CA PHE C 885 14.60 -21.40 -3.81
C PHE C 885 15.98 -22.06 -3.78
N ALA C 886 16.97 -21.31 -3.29
CA ALA C 886 18.36 -21.75 -3.37
C ALA C 886 19.07 -21.57 -2.04
N GLY C 887 19.96 -22.50 -1.73
CA GLY C 887 20.78 -22.44 -0.53
C GLY C 887 20.53 -23.56 0.44
N ASN C 888 20.93 -23.39 1.70
CA ASN C 888 20.52 -24.31 2.73
C ASN C 888 19.16 -23.89 3.28
N ILE C 889 18.62 -24.70 4.19
CA ILE C 889 17.23 -24.51 4.63
C ILE C 889 17.05 -23.16 5.30
N ASN C 890 18.07 -22.67 6.01
CA ASN C 890 17.98 -21.37 6.66
C ASN C 890 17.88 -20.25 5.64
N HIS C 891 18.65 -20.33 4.55
CA HIS C 891 18.58 -19.32 3.50
C HIS C 891 17.21 -19.34 2.82
N LYS C 892 16.66 -20.53 2.59
CA LYS C 892 15.35 -20.63 1.97
C LYS C 892 14.27 -20.04 2.86
N HIS C 893 14.34 -20.30 4.16
CA HIS C 893 13.39 -19.68 5.09
C HIS C 893 13.54 -18.17 5.09
N ARG C 894 14.78 -17.69 5.02
CA ARG C 894 15.03 -16.22 5.00
C ARG C 894 14.40 -15.64 3.71
N GLN C 895 14.55 -16.34 2.59
CA GLN C 895 14.03 -15.83 1.32
C GLN C 895 12.50 -15.80 1.32
N ILE C 896 11.87 -16.80 1.93
CA ILE C 896 10.40 -16.81 1.97
C ILE C 896 9.88 -15.74 2.94
N GLY C 897 10.55 -15.56 4.08
CA GLY C 897 10.04 -14.64 5.08
C GLY C 897 10.19 -13.17 4.70
N ASN C 898 11.12 -12.86 3.81
CA ASN C 898 11.40 -11.48 3.44
C ASN C 898 10.55 -10.98 2.28
N ALA C 899 9.78 -11.83 1.63
CA ALA C 899 9.20 -11.49 0.34
C ALA C 899 7.85 -10.79 0.49
N VAL C 900 7.49 -10.07 -0.57
CA VAL C 900 6.13 -9.55 -0.73
C VAL C 900 5.31 -10.69 -1.33
N PRO C 901 4.09 -10.94 -0.84
CA PRO C 901 3.25 -11.96 -1.46
C PRO C 901 3.03 -11.69 -2.94
N PRO C 902 3.30 -12.68 -3.79
CA PRO C 902 3.04 -12.51 -5.23
C PRO C 902 1.59 -12.16 -5.55
N PRO C 903 0.59 -12.71 -4.82
CA PRO C 903 -0.79 -12.27 -5.10
C PRO C 903 -1.02 -10.78 -4.91
N LEU C 904 -0.47 -10.21 -3.83
CA LEU C 904 -0.64 -8.78 -3.56
C LEU C 904 0.09 -7.94 -4.59
N ALA C 905 1.28 -8.39 -5.03
CA ALA C 905 2.00 -7.69 -6.08
C ALA C 905 1.23 -7.71 -7.39
N PHE C 906 0.58 -8.84 -7.71
CA PHE C 906 -0.25 -8.90 -8.89
C PHE C 906 -1.44 -7.95 -8.79
N ALA C 907 -2.05 -7.89 -7.60
CA ALA C 907 -3.16 -6.96 -7.40
C ALA C 907 -2.74 -5.51 -7.61
N LEU C 908 -1.56 -5.14 -7.10
CA LEU C 908 -1.06 -3.77 -7.30
C LEU C 908 -0.72 -3.50 -8.76
N GLY C 909 -0.11 -4.47 -9.44
CA GLY C 909 0.22 -4.31 -10.84
C GLY C 909 -0.97 -4.21 -11.76
N ARG C 910 -2.08 -4.86 -11.41
CA ARG C 910 -3.30 -4.70 -12.21
C ARG C 910 -3.80 -3.26 -12.17
N LYS C 911 -3.76 -2.62 -11.00
CA LYS C 911 -4.14 -1.22 -10.90
C LYS C 911 -3.16 -0.31 -11.64
N LEU C 912 -1.87 -0.63 -11.60
CA LEU C 912 -0.91 0.13 -12.41
C LEU C 912 -1.20 -0.02 -13.90
N LYS C 913 -1.58 -1.23 -14.33
CA LYS C 913 -1.95 -1.47 -15.73
C LYS C 913 -3.15 -0.62 -16.12
N GLU C 914 -4.13 -0.51 -15.22
CA GLU C 914 -5.27 0.37 -15.49
C GLU C 914 -4.84 1.83 -15.56
N ALA C 915 -3.88 2.23 -14.72
CA ALA C 915 -3.42 3.62 -14.74
C ALA C 915 -2.65 3.95 -16.02
N LEU C 916 -2.01 2.96 -16.63
CA LEU C 916 -1.25 3.21 -17.85
C LEU C 916 -2.12 3.38 -19.09
N HIS C 917 -3.34 2.86 -19.07
CA HIS C 917 -4.24 2.98 -20.22
C HIS C 917 -5.09 4.24 -20.17
N LEU C 918 -4.97 5.04 -19.11
CA LEU C 918 -5.75 6.27 -18.95
C LEU C 918 -4.97 7.53 -19.30
N LYS C 919 -3.76 7.40 -19.81
CA LYS C 919 -2.93 8.58 -20.04
C LYS C 919 -3.34 9.34 -21.30
#